data_6YGA
#
_entry.id   6YGA
#
_cell.length_a   48.124
_cell.length_b   140.421
_cell.length_c   166.409
_cell.angle_alpha   90.000
_cell.angle_beta   90.000
_cell.angle_gamma   90.000
#
_symmetry.space_group_name_H-M   'P 21 21 21'
#
loop_
_entity.id
_entity.type
_entity.pdbx_description
1 polymer 'N-alpha-acetyltransferase 30'
2 polymer 'N-alpha-acetyltransferase 35, NatC auxiliary subunit'
3 polymer 'N-alpha-acetyltransferase 38, NatC auxiliary subunit'
4 non-polymer 'IODIDE ION'
5 non-polymer DI(HYDROXYETHYL)ETHER
6 non-polymer 1,2-ETHANEDIOL
7 non-polymer 'CHLORIDE ION'
8 water water
#
loop_
_entity_poly.entity_id
_entity_poly.type
_entity_poly.pdbx_seq_one_letter_code
_entity_poly.pdbx_strand_id
1 'polypeptide(L)'
;(MSE)EIVYKPLDIRNEEQFASIKKLIDADLSEPYSIYVYRYFLNQWPELTYIAVDNKSGTPNIPIGCIVCK(MSE)DPH
RNVRLRGYIG(MSE)LAVESTYRGHGIAKKLVEIAIDK(MSE)QREHCDEI(MSE)LETEVENSAALNLYEG(MSE)GFI
R(MSE)KR(MSE)FRYYLNEGDAFKLILPLT
;
A
2 'polypeptide(L)'
;GP(MSE)EVDSILGSLSITDDFDQLVDVTSLFDELCSKLKPEAIVKDPRFDLFEGTHSLEVNNSKLDSSLIELTAEEIEF
DVNVAYDPPLASVAAIADRLLRCVISWLNDYQTLPTTVLSCRYTESLLSSLVKGTTAGSSWCTGNILYDKVLGSCILGVC
YLTKFVQKLLSAGIVFEEEDLNFNN(MSE)GFNTFDNLPGQDVVINSLTESLQILEAYSDDSLHLT(MSE)LKHILKIII
CLVHLEDHLTDYSTKTSHLDELIENANSVNGIFPQLQLSPPKGAFSTYIQKHRSNQFPPRKITKLPTDYSGFITLANDVK
TILLVDKAESALETYQFAKFFNKLEQRHVIARILFPLFFIRDDRTVLGKFSYTQFYLLHVKEFSAQTPSEFESSIGNELI
QESSN(MSE)LLEWYQNCSQNTCRYRQGFNRQLILWDSLQAQFESVNSQVYCSWTYF(MSE)KLSS(MSE)IEFSLKGFD
LDIYKPFEAYS(MSE)FWYVYYLSHHLETFLKDSQNDIESNINAIHS(MSE)NKKLKKLKAGEKKDQLRLKYRFA(MSE)
DNE(MSE)EQLQATKQFLNYLLKEINITKSLCLIEVFQFAILKSFGLIDNKNSTPSKFSNERLIHNLRFKPFNSIGVPEL
PEYEVFQQTLKDFVIEEKGAAFDIKLERATNFIETEVRNVVSSIDEI(MSE)QGIKGGDNNGVLVTGTRLVQELSLEYYC
KLKHTSKALSVNSKVIVNTLKKNIKNKDSHEYKVELVHTTEGWNYFPIQTLRIKQDRYK
;
B
3 'polypeptide(L)'
;(MSE)DILKLSDFIGNTLIVSLTEDRILVGSLVAVDAQ(MSE)NLLLDHVEER(MSE)GSSSR(MSE)(MSE)GLVSVPR
RSVKTI(MSE)IDKPVLQELT
;
C
#
loop_
_chem_comp.id
_chem_comp.type
_chem_comp.name
_chem_comp.formula
CL non-polymer 'CHLORIDE ION' 'Cl -1'
EDO non-polymer 1,2-ETHANEDIOL 'C2 H6 O2'
IOD non-polymer 'IODIDE ION' 'I -1'
PEG non-polymer DI(HYDROXYETHYL)ETHER 'C4 H10 O3'
#
# COMPACT_ATOMS: atom_id res chain seq x y z
N MSE A 1 11.16 42.84 4.83
CA MSE A 1 10.00 41.97 4.75
C MSE A 1 8.93 42.36 5.77
O MSE A 1 9.23 42.54 6.95
CB MSE A 1 10.43 40.52 4.96
CG MSE A 1 9.46 39.50 4.43
SE MSE A 1 10.10 37.69 4.73
CE MSE A 1 10.07 37.70 6.68
N GLU A 2 7.67 42.47 5.31
CA GLU A 2 6.54 42.80 6.18
C GLU A 2 5.35 41.94 5.73
N ILE A 3 5.34 40.68 6.16
CA ILE A 3 4.36 39.72 5.67
C ILE A 3 3.01 39.97 6.32
N VAL A 4 1.96 39.94 5.51
CA VAL A 4 0.58 40.13 5.97
C VAL A 4 -0.23 38.92 5.54
N TYR A 5 -1.02 38.37 6.47
CA TYR A 5 -1.83 37.18 6.24
C TYR A 5 -3.30 37.60 6.25
N LYS A 6 -4.00 37.33 5.16
CA LYS A 6 -5.36 37.81 4.96
C LYS A 6 -6.20 36.71 4.32
N PRO A 7 -7.51 36.74 4.52
CA PRO A 7 -8.38 35.75 3.87
C PRO A 7 -8.51 36.04 2.38
N LEU A 8 -8.91 35.00 1.65
CA LEU A 8 -9.08 35.13 0.20
C LEU A 8 -10.29 36.01 -0.14
N ASP A 9 -10.11 36.89 -1.12
CA ASP A 9 -11.21 37.65 -1.71
C ASP A 9 -11.65 36.90 -2.97
N ILE A 10 -12.81 36.24 -2.89
CA ILE A 10 -13.30 35.44 -4.01
C ILE A 10 -13.64 36.31 -5.21
N ARG A 11 -13.95 37.58 -4.97
CA ARG A 11 -14.28 38.48 -6.07
C ARG A 11 -13.05 38.83 -6.91
N ASN A 12 -11.86 38.83 -6.31
CA ASN A 12 -10.65 39.19 -7.04
C ASN A 12 -10.23 38.04 -7.94
N GLU A 13 -10.20 38.30 -9.25
CA GLU A 13 -9.83 37.25 -10.21
C GLU A 13 -8.32 37.11 -10.29
N GLU A 14 -7.58 38.22 -10.16
CA GLU A 14 -6.13 38.16 -10.20
C GLU A 14 -5.56 37.47 -8.97
N GLN A 15 -6.19 37.66 -7.81
CA GLN A 15 -5.77 36.93 -6.61
C GLN A 15 -5.94 35.43 -6.81
N PHE A 16 -7.05 35.03 -7.42
CA PHE A 16 -7.29 33.62 -7.74
C PHE A 16 -6.16 33.05 -8.58
N ALA A 17 -5.83 33.73 -9.69
CA ALA A 17 -4.82 33.19 -10.60
C ALA A 17 -3.45 33.10 -9.93
N SER A 18 -3.14 34.06 -9.05
CA SER A 18 -1.83 34.06 -8.39
C SER A 18 -1.68 32.85 -7.48
N ILE A 19 -2.77 32.43 -6.83
CA ILE A 19 -2.73 31.25 -5.97
C ILE A 19 -2.44 30.01 -6.81
N LYS A 20 -3.06 29.91 -7.98
CA LYS A 20 -2.81 28.76 -8.86
C LYS A 20 -1.36 28.68 -9.28
N LYS A 21 -0.74 29.83 -9.59
CA LYS A 21 0.65 29.83 -10.01
C LYS A 21 1.57 29.35 -8.89
N LEU A 22 1.33 29.80 -7.67
CA LEU A 22 2.14 29.38 -6.53
C LEU A 22 2.07 27.87 -6.33
N ILE A 23 0.86 27.33 -6.24
CA ILE A 23 0.68 25.92 -5.93
C ILE A 23 1.21 25.04 -7.05
N ASP A 24 1.03 25.46 -8.31
CA ASP A 24 1.44 24.62 -9.44
C ASP A 24 2.96 24.48 -9.53
N ALA A 25 3.71 25.50 -9.10
CA ALA A 25 5.16 25.43 -9.17
C ALA A 25 5.72 24.30 -8.32
N ASP A 26 5.12 24.06 -7.15
CA ASP A 26 5.63 23.04 -6.25
C ASP A 26 5.23 21.63 -6.66
N LEU A 27 4.07 21.47 -7.31
CA LEU A 27 3.53 20.15 -7.60
C LEU A 27 4.29 19.46 -8.72
N SER A 28 4.59 18.17 -8.52
CA SER A 28 5.03 17.34 -9.62
C SER A 28 3.88 17.08 -10.60
N GLU A 29 2.67 16.87 -10.06
CA GLU A 29 1.48 16.69 -10.87
C GLU A 29 0.47 17.78 -10.52
N PRO A 30 -0.06 18.50 -11.50
CA PRO A 30 -0.78 19.74 -11.20
C PRO A 30 -2.28 19.53 -11.00
N TYR A 31 -2.98 20.63 -10.75
CA TYR A 31 -4.42 20.63 -10.55
C TYR A 31 -5.10 21.41 -11.66
N SER A 32 -6.30 20.97 -12.03
CA SER A 32 -7.08 21.72 -13.00
C SER A 32 -7.72 22.93 -12.34
N ILE A 33 -8.31 23.80 -13.16
CA ILE A 33 -9.02 24.97 -12.64
C ILE A 33 -10.14 24.53 -11.72
N TYR A 34 -10.80 23.42 -12.04
CA TYR A 34 -11.93 22.97 -11.24
C TYR A 34 -11.51 22.26 -9.96
N VAL A 35 -10.24 21.88 -9.82
CA VAL A 35 -9.73 21.50 -8.51
C VAL A 35 -9.71 22.72 -7.59
N TYR A 36 -9.21 23.85 -8.11
CA TYR A 36 -9.18 25.07 -7.33
C TYR A 36 -10.59 25.62 -7.08
N ARG A 37 -11.49 25.43 -8.04
CA ARG A 37 -12.84 25.93 -7.89
C ARG A 37 -13.64 25.10 -6.90
N TYR A 38 -13.30 23.81 -6.76
CA TYR A 38 -13.95 22.97 -5.76
C TYR A 38 -13.62 23.46 -4.35
N PHE A 39 -12.39 23.89 -4.12
CA PHE A 39 -12.00 24.41 -2.81
C PHE A 39 -12.50 25.83 -2.59
N LEU A 40 -12.15 26.74 -3.50
CA LEU A 40 -12.28 28.17 -3.22
C LEU A 40 -13.71 28.67 -3.31
N ASN A 41 -14.52 28.10 -4.19
CA ASN A 41 -15.90 28.55 -4.31
C ASN A 41 -16.78 28.03 -3.19
N GLN A 42 -16.51 26.81 -2.71
CA GLN A 42 -17.34 26.22 -1.67
C GLN A 42 -16.83 26.52 -0.26
N TRP A 43 -15.52 26.68 -0.08
CA TRP A 43 -14.94 27.10 1.20
C TRP A 43 -14.04 28.31 0.96
N PRO A 44 -14.61 29.46 0.57
CA PRO A 44 -13.77 30.65 0.42
C PRO A 44 -13.17 31.12 1.72
N GLU A 45 -13.83 30.85 2.84
CA GLU A 45 -13.35 31.32 4.13
C GLU A 45 -12.19 30.50 4.67
N LEU A 46 -11.79 29.43 3.97
CA LEU A 46 -10.76 28.51 4.45
C LEU A 46 -9.51 28.56 3.59
N THR A 47 -9.32 29.62 2.81
CA THR A 47 -8.12 29.83 2.02
C THR A 47 -7.50 31.16 2.41
N TYR A 48 -6.20 31.14 2.73
CA TYR A 48 -5.49 32.33 3.17
C TYR A 48 -4.26 32.54 2.29
N ILE A 49 -3.85 33.81 2.17
CA ILE A 49 -2.67 34.18 1.41
C ILE A 49 -1.74 34.97 2.32
N ALA A 50 -0.47 34.98 1.95
CA ALA A 50 0.54 35.81 2.58
C ALA A 50 1.11 36.76 1.53
N VAL A 51 1.18 38.05 1.87
CA VAL A 51 1.74 39.06 0.98
C VAL A 51 2.82 39.83 1.73
N ASP A 52 3.82 40.29 0.98
CA ASP A 52 4.90 41.11 1.53
C ASP A 52 4.52 42.57 1.26
N ASN A 53 4.19 43.29 2.32
CA ASN A 53 3.71 44.67 2.15
C ASN A 53 4.83 45.61 1.72
N LYS A 54 6.07 45.34 2.14
CA LYS A 54 7.20 46.17 1.78
C LYS A 54 7.91 45.69 0.52
N SER A 55 7.37 44.67 -0.15
CA SER A 55 7.91 44.23 -1.42
C SER A 55 7.53 45.19 -2.54
N GLY A 56 8.26 45.11 -3.65
CA GLY A 56 7.90 45.90 -4.81
C GLY A 56 6.52 45.60 -5.32
N THR A 57 6.10 44.34 -5.22
CA THR A 57 4.74 43.92 -5.54
C THR A 57 4.03 43.60 -4.23
N PRO A 58 3.30 44.55 -3.64
CA PRO A 58 2.83 44.35 -2.26
C PRO A 58 1.70 43.33 -2.14
N ASN A 59 0.70 43.37 -3.02
CA ASN A 59 -0.47 42.52 -2.86
C ASN A 59 -0.37 41.21 -3.62
N ILE A 60 0.78 40.90 -4.22
CA ILE A 60 0.90 39.60 -4.87
C ILE A 60 1.07 38.53 -3.79
N PRO A 61 0.40 37.39 -3.90
CA PRO A 61 0.59 36.34 -2.90
C PRO A 61 1.95 35.66 -3.06
N ILE A 62 2.70 35.59 -1.96
CA ILE A 62 3.95 34.83 -1.90
C ILE A 62 3.79 33.52 -1.16
N GLY A 63 2.63 33.28 -0.56
CA GLY A 63 2.33 32.01 0.09
C GLY A 63 0.84 31.89 0.27
N CYS A 64 0.37 30.64 0.33
CA CYS A 64 -1.06 30.42 0.49
C CYS A 64 -1.30 29.03 1.08
N ILE A 65 -2.50 28.88 1.65
CA ILE A 65 -2.97 27.61 2.15
C ILE A 65 -4.42 27.45 1.75
N VAL A 66 -4.79 26.25 1.31
CA VAL A 66 -6.14 25.98 0.81
C VAL A 66 -6.72 24.83 1.61
N CYS A 67 -7.90 25.05 2.19
CA CYS A 67 -8.49 24.10 3.13
C CYS A 67 -9.96 23.88 2.81
N LYS A 68 -10.48 22.76 3.30
CA LYS A 68 -11.90 22.45 3.24
C LYS A 68 -12.30 21.81 4.57
N MSE A 69 -13.61 21.71 4.78
CA MSE A 69 -14.12 20.95 5.92
C MSE A 69 -15.43 20.27 5.58
O MSE A 69 -16.26 20.82 4.86
CB MSE A 69 -14.28 21.85 7.16
CG MSE A 69 -15.32 22.94 7.01
SE MSE A 69 -15.22 24.22 8.48
CE MSE A 69 -16.26 23.26 9.82
N ASP A 70 -15.61 19.05 6.09
CA ASP A 70 -16.79 18.26 5.83
C ASP A 70 -17.05 17.40 7.07
N PRO A 71 -18.30 17.00 7.31
CA PRO A 71 -18.54 16.01 8.35
C PRO A 71 -17.86 14.69 8.02
N HIS A 72 -17.20 14.10 9.01
CA HIS A 72 -16.62 12.78 8.89
C HIS A 72 -17.40 11.83 9.78
N ARG A 73 -17.66 10.63 9.25
CA ARG A 73 -18.69 9.72 9.80
C ARG A 73 -19.98 10.54 9.75
N ASN A 74 -20.69 10.70 10.86
CA ASN A 74 -21.84 11.57 10.90
C ASN A 74 -21.74 12.61 12.01
N VAL A 75 -20.82 12.43 12.96
CA VAL A 75 -20.87 13.15 14.23
C VAL A 75 -19.70 14.12 14.42
N ARG A 76 -18.70 14.09 13.55
CA ARG A 76 -17.52 14.92 13.72
C ARG A 76 -17.22 15.72 12.46
N LEU A 77 -16.79 16.97 12.66
CA LEU A 77 -16.37 17.84 11.57
C LEU A 77 -14.87 17.70 11.39
N ARG A 78 -14.44 17.35 10.18
CA ARG A 78 -13.04 17.15 9.84
C ARG A 78 -12.56 18.28 8.94
N GLY A 79 -11.67 19.10 9.45
CA GLY A 79 -10.95 20.04 8.62
C GLY A 79 -9.87 19.34 7.82
N TYR A 80 -9.57 19.89 6.64
CA TYR A 80 -8.63 19.27 5.72
C TYR A 80 -7.75 20.33 5.08
N ILE A 81 -6.44 20.12 5.11
CA ILE A 81 -5.48 21.02 4.49
C ILE A 81 -5.12 20.43 3.13
N GLY A 82 -5.61 21.05 2.06
CA GLY A 82 -5.40 20.53 0.72
C GLY A 82 -4.08 20.94 0.11
N MSE A 83 -3.77 22.24 0.17
CA MSE A 83 -2.52 22.75 -0.42
C MSE A 83 -1.81 23.77 0.46
O MSE A 83 -2.45 24.56 1.16
CB MSE A 83 -2.81 23.36 -1.79
CG MSE A 83 -3.25 22.36 -2.85
SE MSE A 83 -5.19 22.22 -3.02
CE MSE A 83 -5.50 23.84 -4.06
N LEU A 84 -0.48 23.75 0.41
CA LEU A 84 0.36 24.69 1.12
C LEU A 84 1.56 24.98 0.25
N ALA A 85 1.71 26.24 -0.16
CA ALA A 85 2.82 26.66 -1.01
C ALA A 85 3.38 27.97 -0.50
N VAL A 86 4.72 28.08 -0.55
CA VAL A 86 5.42 29.30 -0.18
C VAL A 86 6.46 29.56 -1.27
N GLU A 87 6.54 30.80 -1.75
CA GLU A 87 7.45 31.14 -2.83
C GLU A 87 8.89 30.87 -2.42
N SER A 88 9.69 30.46 -3.41
CA SER A 88 11.06 29.99 -3.13
C SER A 88 11.90 31.06 -2.46
N THR A 89 11.73 32.32 -2.86
CA THR A 89 12.52 33.40 -2.30
C THR A 89 12.16 33.70 -0.85
N TYR A 90 10.95 33.33 -0.42
CA TYR A 90 10.46 33.67 0.91
C TYR A 90 10.52 32.48 1.88
N ARG A 91 11.17 31.39 1.51
CA ARG A 91 11.25 30.24 2.40
C ARG A 91 12.26 30.50 3.51
N GLY A 92 12.03 29.86 4.65
CA GLY A 92 12.91 30.00 5.80
C GLY A 92 12.57 31.12 6.74
N HIS A 93 11.38 31.71 6.63
CA HIS A 93 10.97 32.81 7.49
C HIS A 93 9.73 32.47 8.31
N GLY A 94 9.42 31.18 8.45
CA GLY A 94 8.24 30.78 9.21
C GLY A 94 6.92 31.17 8.58
N ILE A 95 6.91 31.44 7.28
CA ILE A 95 5.66 31.88 6.64
C ILE A 95 4.68 30.72 6.53
N ALA A 96 5.15 29.54 6.14
CA ALA A 96 4.28 28.37 6.05
C ALA A 96 3.66 28.04 7.41
N LYS A 97 4.45 28.14 8.48
CA LYS A 97 3.92 27.82 9.80
C LYS A 97 2.82 28.79 10.21
N LYS A 98 2.96 30.07 9.85
CA LYS A 98 1.93 31.05 10.19
C LYS A 98 0.66 30.83 9.39
N LEU A 99 0.79 30.41 8.14
CA LEU A 99 -0.39 30.11 7.33
C LEU A 99 -1.15 28.91 7.87
N VAL A 100 -0.43 27.88 8.32
CA VAL A 100 -1.09 26.73 8.92
C VAL A 100 -1.80 27.14 10.20
N GLU A 101 -1.13 27.98 11.02
CA GLU A 101 -1.71 28.38 12.29
C GLU A 101 -2.98 29.19 12.10
N ILE A 102 -3.00 30.11 11.12
CA ILE A 102 -4.18 30.93 10.93
C ILE A 102 -5.31 30.11 10.30
N ALA A 103 -4.98 29.09 9.50
CA ALA A 103 -6.01 28.25 8.91
C ALA A 103 -6.62 27.32 9.96
N ILE A 104 -5.78 26.71 10.80
CA ILE A 104 -6.31 25.84 11.85
C ILE A 104 -7.12 26.65 12.85
N ASP A 105 -6.67 27.87 13.16
CA ASP A 105 -7.42 28.74 14.05
C ASP A 105 -8.80 29.05 13.48
N LYS A 106 -8.89 29.26 12.17
CA LYS A 106 -10.18 29.51 11.53
C LYS A 106 -11.07 28.28 11.61
N MSE A 107 -10.51 27.10 11.32
CA MSE A 107 -11.28 25.86 11.31
C MSE A 107 -11.70 25.47 12.73
O MSE A 107 -12.79 24.93 12.92
CB MSE A 107 -10.48 24.74 10.65
CG MSE A 107 -10.26 24.96 9.14
SE MSE A 107 -9.50 23.45 8.17
CE MSE A 107 -7.61 23.72 8.57
N GLN A 108 -10.87 25.76 13.73
CA GLN A 108 -11.27 25.53 15.11
C GLN A 108 -12.43 26.45 15.50
N ARG A 109 -12.36 27.72 15.10
CA ARG A 109 -13.47 28.63 15.36
C ARG A 109 -14.71 28.23 14.58
N GLU A 110 -14.55 27.48 13.50
CA GLU A 110 -15.68 26.89 12.79
C GLU A 110 -16.08 25.54 13.36
N HIS A 111 -15.58 25.17 14.52
CA HIS A 111 -16.02 24.01 15.28
C HIS A 111 -15.58 22.69 14.64
N CYS A 112 -14.48 22.72 13.90
CA CYS A 112 -13.87 21.47 13.44
C CYS A 112 -13.42 20.65 14.64
N ASP A 113 -13.69 19.36 14.60
CA ASP A 113 -13.25 18.46 15.66
C ASP A 113 -11.83 17.95 15.45
N GLU A 114 -11.32 18.03 14.22
CA GLU A 114 -10.00 17.52 13.91
C GLU A 114 -9.54 18.10 12.58
N ILE A 115 -8.23 18.12 12.37
CA ILE A 115 -7.61 18.57 11.14
C ILE A 115 -6.85 17.40 10.55
N MSE A 116 -7.03 17.16 9.25
CA MSE A 116 -6.36 16.05 8.59
C MSE A 116 -5.59 16.50 7.35
O MSE A 116 -6.06 17.37 6.61
CB MSE A 116 -7.38 14.96 8.21
CG MSE A 116 -6.76 13.65 7.75
SE MSE A 116 -6.34 13.59 5.85
CE MSE A 116 -8.11 13.19 5.16
N LEU A 117 -4.42 15.91 7.13
CA LEU A 117 -3.63 16.18 5.94
C LEU A 117 -2.83 14.94 5.59
N GLU A 118 -2.37 14.89 4.36
CA GLU A 118 -1.44 13.86 3.90
C GLU A 118 -0.14 14.52 3.51
N THR A 119 0.97 13.83 3.75
CA THR A 119 2.28 14.35 3.42
C THR A 119 3.21 13.18 3.13
N GLU A 120 4.31 13.49 2.45
CA GLU A 120 5.30 12.46 2.13
C GLU A 120 6.06 12.05 3.39
N VAL A 121 6.36 10.75 3.49
CA VAL A 121 7.15 10.28 4.62
C VAL A 121 8.59 10.77 4.51
N GLU A 122 9.03 11.17 3.32
CA GLU A 122 10.36 11.71 3.11
C GLU A 122 10.41 13.23 3.25
N ASN A 123 9.26 13.87 3.47
CA ASN A 123 9.19 15.33 3.63
C ASN A 123 9.43 15.67 5.09
N SER A 124 10.72 15.75 5.45
CA SER A 124 11.08 16.02 6.84
C SER A 124 10.60 17.39 7.28
N ALA A 125 10.71 18.40 6.40
CA ALA A 125 10.33 19.75 6.78
C ALA A 125 8.84 19.85 7.07
N ALA A 126 8.02 19.16 6.28
CA ALA A 126 6.57 19.18 6.52
C ALA A 126 6.22 18.41 7.79
N LEU A 127 6.85 17.25 7.99
CA LEU A 127 6.59 16.47 9.20
C LEU A 127 6.99 17.24 10.45
N ASN A 128 8.13 17.92 10.41
CA ASN A 128 8.57 18.69 11.57
C ASN A 128 7.62 19.85 11.86
N LEU A 129 7.09 20.49 10.81
CA LEU A 129 6.18 21.61 11.01
C LEU A 129 4.86 21.16 11.63
N TYR A 130 4.28 20.08 11.10
CA TYR A 130 2.97 19.63 11.57
C TYR A 130 3.04 18.92 12.90
N GLU A 131 4.00 18.00 13.07
CA GLU A 131 4.09 17.27 14.33
C GLU A 131 4.46 18.19 15.48
N GLY A 132 5.18 19.29 15.20
CA GLY A 132 5.44 20.27 16.22
C GLY A 132 4.21 21.00 16.73
N MSE A 133 3.10 20.94 15.98
CA MSE A 133 1.87 21.61 16.38
C MSE A 133 0.93 20.64 17.10
O MSE A 133 -0.13 21.04 17.60
CB MSE A 133 1.16 22.21 15.17
CG MSE A 133 2.01 23.19 14.39
SE MSE A 133 1.05 23.93 12.88
CE MSE A 133 -0.44 24.75 13.82
N GLY A 134 1.31 19.37 17.14
CA GLY A 134 0.55 18.35 17.83
C GLY A 134 0.03 17.26 16.93
N PHE A 135 0.21 17.37 15.62
CA PHE A 135 -0.18 16.31 14.71
C PHE A 135 0.56 15.02 15.04
N ILE A 136 -0.13 13.89 14.87
CA ILE A 136 0.49 12.58 14.97
C ILE A 136 0.11 11.78 13.74
N ARG A 137 0.97 10.82 13.39
CA ARG A 137 0.75 9.96 12.25
C ARG A 137 -0.26 8.86 12.60
N MSE A 138 -1.32 8.76 11.83
CA MSE A 138 -2.37 7.79 12.11
C MSE A 138 -2.42 6.68 11.08
O MSE A 138 -3.13 5.69 11.26
CB MSE A 138 -3.73 8.50 12.18
CG MSE A 138 -3.89 9.41 13.39
SE MSE A 138 -3.63 8.42 15.05
CE MSE A 138 -5.19 7.24 14.93
N LYS A 139 -1.67 6.82 10.00
CA LYS A 139 -1.75 5.88 8.90
C LYS A 139 -0.56 6.08 7.97
N ARG A 140 -0.14 4.99 7.33
CA ARG A 140 0.89 5.04 6.30
C ARG A 140 0.34 4.40 5.04
N MSE A 141 0.42 5.12 3.92
CA MSE A 141 -0.16 4.64 2.67
C MSE A 141 0.92 4.23 1.68
O MSE A 141 1.77 5.04 1.30
CB MSE A 141 -1.08 5.70 2.06
CG MSE A 141 -2.27 6.05 2.94
SE MSE A 141 -1.86 7.33 4.36
CE MSE A 141 -2.49 8.96 3.50
N PHE A 142 0.87 2.97 1.25
CA PHE A 142 1.92 2.38 0.42
C PHE A 142 1.93 3.03 -0.97
N ARG A 143 3.07 3.64 -1.32
CA ARG A 143 3.29 4.25 -2.63
C ARG A 143 2.20 5.25 -2.97
N TYR A 144 1.73 5.98 -1.96
CA TYR A 144 0.70 6.99 -2.16
C TYR A 144 1.17 8.07 -3.13
N TYR A 145 2.45 8.41 -3.10
CA TYR A 145 3.04 9.37 -4.02
C TYR A 145 3.84 8.69 -5.12
N LEU A 146 3.46 7.47 -5.50
CA LEU A 146 4.04 6.76 -6.64
C LEU A 146 5.54 6.60 -6.42
N ASN A 147 6.39 7.07 -7.33
CA ASN A 147 7.82 6.90 -7.16
C ASN A 147 8.42 7.84 -6.12
N GLU A 148 7.64 8.78 -5.58
CA GLU A 148 8.12 9.63 -4.49
C GLU A 148 7.95 8.97 -3.12
N GLY A 149 7.32 7.82 -3.05
CA GLY A 149 7.29 7.03 -1.83
C GLY A 149 5.92 7.04 -1.16
N ASP A 150 5.90 6.55 0.07
CA ASP A 150 4.68 6.40 0.85
C ASP A 150 4.22 7.76 1.38
N ALA A 151 3.05 7.75 2.03
CA ALA A 151 2.51 8.92 2.68
C ALA A 151 2.21 8.60 4.13
N PHE A 152 2.18 9.65 4.95
CA PHE A 152 1.64 9.60 6.30
C PHE A 152 0.32 10.37 6.30
N LYS A 153 -0.66 9.84 7.02
CA LYS A 153 -1.90 10.54 7.30
C LYS A 153 -1.76 11.19 8.68
N LEU A 154 -1.76 12.52 8.72
CA LEU A 154 -1.59 13.26 9.95
C LEU A 154 -2.93 13.81 10.42
N ILE A 155 -3.18 13.71 11.73
CA ILE A 155 -4.41 14.16 12.34
C ILE A 155 -4.08 14.94 13.60
N LEU A 156 -4.71 16.10 13.75
CA LEU A 156 -4.60 16.93 14.96
C LEU A 156 -5.96 17.02 15.60
N PRO A 157 -6.15 16.43 16.79
CA PRO A 157 -7.48 16.43 17.41
C PRO A 157 -7.73 17.74 18.16
N LEU A 158 -8.91 18.33 17.92
CA LEU A 158 -9.26 19.60 18.54
C LEU A 158 -10.30 19.46 19.63
N THR A 159 -11.16 18.45 19.53
CA THR A 159 -12.14 18.15 20.57
C THR A 159 -12.10 16.68 20.98
N PRO B 2 -0.12 15.48 -41.00
CA PRO B 2 -0.52 16.70 -41.71
C PRO B 2 -0.65 16.47 -43.21
N MSE B 3 0.46 16.14 -43.86
CA MSE B 3 0.47 15.94 -45.30
C MSE B 3 -0.28 14.68 -45.74
O MSE B 3 -0.60 14.52 -46.92
CB MSE B 3 1.91 15.89 -45.83
CG MSE B 3 2.57 17.26 -46.01
SE MSE B 3 4.25 17.28 -47.05
CE MSE B 3 3.71 16.19 -48.58
N GLU B 4 -0.56 13.79 -44.79
CA GLU B 4 -1.21 12.52 -45.11
C GLU B 4 -2.63 12.75 -45.60
N VAL B 5 -3.10 11.84 -46.46
CA VAL B 5 -4.34 12.06 -47.20
C VAL B 5 -5.54 11.97 -46.26
N ASP B 6 -5.56 10.96 -45.39
CA ASP B 6 -6.75 10.68 -44.57
C ASP B 6 -7.02 11.79 -43.57
N SER B 7 -5.97 12.41 -43.03
CA SER B 7 -6.18 13.54 -42.12
C SER B 7 -6.77 14.74 -42.85
N ILE B 8 -6.38 14.94 -44.11
CA ILE B 8 -6.92 16.05 -44.91
C ILE B 8 -8.40 15.87 -45.14
N LEU B 9 -8.79 14.75 -45.75
CA LEU B 9 -10.21 14.49 -46.02
C LEU B 9 -11.02 14.36 -44.74
N GLY B 10 -10.39 13.92 -43.65
CA GLY B 10 -11.11 13.72 -42.41
C GLY B 10 -11.63 15.00 -41.78
N SER B 11 -11.06 16.15 -42.15
CA SER B 11 -11.52 17.41 -41.59
C SER B 11 -12.96 17.71 -42.00
N LEU B 12 -13.33 17.36 -43.23
CA LEU B 12 -14.69 17.60 -43.69
C LEU B 12 -15.69 16.70 -42.98
N SER B 13 -15.25 15.51 -42.55
CA SER B 13 -16.15 14.52 -41.95
C SER B 13 -16.39 14.75 -40.47
N ILE B 14 -15.79 15.79 -39.87
CA ILE B 14 -15.90 15.98 -38.43
C ILE B 14 -17.32 16.39 -38.04
N THR B 15 -17.93 17.28 -38.82
CA THR B 15 -19.26 17.80 -38.55
C THR B 15 -20.36 16.95 -39.19
N ASP B 16 -20.01 15.85 -39.86
CA ASP B 16 -21.02 15.09 -40.61
C ASP B 16 -22.11 14.52 -39.72
N ASP B 17 -21.77 14.15 -38.49
CA ASP B 17 -22.76 13.49 -37.63
C ASP B 17 -23.89 14.43 -37.23
N PHE B 18 -23.59 15.70 -37.01
CA PHE B 18 -24.60 16.68 -36.63
C PHE B 18 -25.16 17.35 -37.88
N ASP B 19 -26.48 17.29 -38.05
CA ASP B 19 -27.09 17.82 -39.27
C ASP B 19 -27.01 19.34 -39.33
N GLN B 20 -27.19 20.01 -38.19
CA GLN B 20 -27.17 21.47 -38.18
C GLN B 20 -26.61 21.95 -36.86
N LEU B 21 -25.56 22.76 -36.92
CA LEU B 21 -24.89 23.31 -35.74
C LEU B 21 -25.00 24.82 -35.74
N VAL B 22 -25.27 25.39 -34.56
CA VAL B 22 -25.38 26.83 -34.38
C VAL B 22 -24.30 27.28 -33.41
N ASP B 23 -23.61 28.36 -33.75
CA ASP B 23 -22.61 28.94 -32.85
C ASP B 23 -23.31 29.65 -31.70
N VAL B 24 -22.91 29.34 -30.48
CA VAL B 24 -23.51 29.90 -29.27
C VAL B 24 -22.42 30.50 -28.39
N THR B 25 -21.27 30.83 -29.00
CA THR B 25 -20.19 31.45 -28.25
C THR B 25 -20.61 32.79 -27.67
N SER B 26 -21.32 33.60 -28.46
CA SER B 26 -21.71 34.93 -28.01
C SER B 26 -22.69 34.85 -26.84
N LEU B 27 -23.69 33.97 -26.93
CA LEU B 27 -24.66 33.85 -25.84
C LEU B 27 -24.00 33.39 -24.55
N PHE B 28 -22.98 32.53 -24.65
CA PHE B 28 -22.31 32.03 -23.45
C PHE B 28 -21.58 33.14 -22.70
N ASP B 29 -20.98 34.08 -23.44
CA ASP B 29 -20.20 35.12 -22.78
C ASP B 29 -21.09 36.16 -22.13
N GLU B 30 -22.20 36.52 -22.76
CA GLU B 30 -23.16 37.43 -22.14
C GLU B 30 -23.64 36.90 -20.80
N LEU B 31 -24.13 35.65 -20.79
CA LEU B 31 -24.66 35.08 -19.56
C LEU B 31 -23.60 34.96 -18.48
N CYS B 32 -22.38 34.55 -18.86
CA CYS B 32 -21.32 34.39 -17.88
C CYS B 32 -20.94 35.73 -17.25
N SER B 33 -21.08 36.82 -17.99
CA SER B 33 -20.78 38.14 -17.44
C SER B 33 -21.76 38.52 -16.34
N LYS B 34 -23.02 38.10 -16.44
CA LYS B 34 -24.00 38.41 -15.42
C LYS B 34 -23.78 37.62 -14.13
N LEU B 35 -23.03 36.51 -14.20
CA LEU B 35 -22.77 35.72 -13.00
C LEU B 35 -21.86 36.45 -12.04
N LYS B 36 -22.14 36.30 -10.75
CA LYS B 36 -21.22 36.78 -9.73
C LYS B 36 -19.93 35.97 -9.79
N PRO B 37 -18.79 36.58 -9.43
CA PRO B 37 -17.51 35.87 -9.57
C PRO B 37 -17.45 34.56 -8.80
N GLU B 38 -18.13 34.48 -7.66
CA GLU B 38 -18.10 33.26 -6.85
C GLU B 38 -19.00 32.17 -7.41
N ALA B 39 -19.84 32.48 -8.38
CA ALA B 39 -20.90 31.58 -8.78
C ALA B 39 -20.43 30.54 -9.80
N ILE B 40 -21.02 29.35 -9.71
CA ILE B 40 -20.83 28.26 -10.65
C ILE B 40 -22.21 27.77 -11.07
N VAL B 41 -22.43 27.64 -12.37
CA VAL B 41 -23.65 27.05 -12.90
C VAL B 41 -23.40 25.57 -13.11
N LYS B 42 -24.17 24.73 -12.41
CA LYS B 42 -23.97 23.29 -12.46
C LYS B 42 -25.28 22.61 -12.08
N ASP B 43 -25.35 21.32 -12.36
CA ASP B 43 -26.50 20.54 -11.94
C ASP B 43 -26.55 20.50 -10.41
N PRO B 44 -27.72 20.71 -9.79
CA PRO B 44 -27.77 20.69 -8.32
C PRO B 44 -27.35 19.36 -7.73
N ARG B 45 -27.62 18.24 -8.41
CA ARG B 45 -27.23 16.94 -7.90
C ARG B 45 -25.72 16.72 -8.00
N PHE B 46 -25.07 17.36 -8.96
CA PHE B 46 -23.65 17.12 -9.21
C PHE B 46 -22.79 17.67 -8.08
N ASP B 47 -21.80 16.87 -7.67
CA ASP B 47 -20.84 17.25 -6.64
C ASP B 47 -19.56 17.73 -7.31
N LEU B 48 -19.04 18.88 -6.87
CA LEU B 48 -17.85 19.44 -7.47
C LEU B 48 -16.57 18.69 -7.11
N PHE B 49 -16.63 17.75 -6.16
CA PHE B 49 -15.46 16.93 -5.88
C PHE B 49 -15.14 16.01 -7.05
N GLU B 50 -16.16 15.64 -7.83
CA GLU B 50 -15.92 14.78 -8.98
C GLU B 50 -15.03 15.45 -10.01
N GLY B 51 -15.02 16.78 -10.07
CA GLY B 51 -14.15 17.47 -10.99
C GLY B 51 -12.70 17.55 -10.57
N THR B 52 -12.36 17.07 -9.38
CA THR B 52 -10.98 17.17 -8.90
C THR B 52 -10.04 16.24 -9.65
N HIS B 53 -10.59 15.27 -10.37
CA HIS B 53 -9.79 14.33 -11.16
CA HIS B 53 -9.78 14.36 -11.16
C HIS B 53 -10.02 14.58 -12.65
N SER B 54 -9.99 15.85 -13.07
CA SER B 54 -10.26 16.23 -14.45
C SER B 54 -8.96 16.64 -15.15
N LEU B 55 -8.92 16.34 -16.45
CA LEU B 55 -7.83 16.81 -17.30
C LEU B 55 -8.04 18.29 -17.63
N GLU B 56 -7.02 18.88 -18.26
CA GLU B 56 -7.06 20.28 -18.66
C GLU B 56 -6.27 20.48 -19.93
N VAL B 57 -6.90 21.09 -20.94
CA VAL B 57 -6.26 21.27 -22.24
C VAL B 57 -5.22 22.38 -22.14
N ASN B 58 -4.21 22.30 -23.00
CA ASN B 58 -3.14 23.30 -23.09
C ASN B 58 -2.38 23.42 -21.76
N ASN B 59 -2.39 22.35 -20.97
CA ASN B 59 -1.56 22.22 -19.78
C ASN B 59 -0.65 21.03 -20.02
N SER B 60 0.66 21.30 -20.18
CA SER B 60 1.60 20.26 -20.58
C SER B 60 1.51 19.03 -19.68
N LYS B 61 1.36 19.25 -18.37
CA LYS B 61 1.36 18.16 -17.41
C LYS B 61 0.01 17.46 -17.29
N LEU B 62 -1.06 18.03 -17.85
CA LEU B 62 -2.39 17.45 -17.78
C LEU B 62 -3.00 17.18 -19.14
N ASP B 63 -2.27 17.37 -20.24
CA ASP B 63 -2.79 17.21 -21.59
C ASP B 63 -1.89 16.24 -22.35
N SER B 64 -2.38 15.02 -22.57
CA SER B 64 -1.63 14.01 -23.32
C SER B 64 -1.58 14.31 -24.81
N SER B 65 -2.42 15.21 -25.31
CA SER B 65 -2.35 15.61 -26.71
C SER B 65 -1.11 16.43 -27.01
N LEU B 66 -0.45 16.97 -25.98
CA LEU B 66 0.72 17.82 -26.17
C LEU B 66 2.03 17.07 -25.93
N ILE B 67 1.98 15.74 -25.82
CA ILE B 67 3.21 14.97 -25.66
C ILE B 67 4.11 15.19 -26.86
N GLU B 68 5.37 15.52 -26.58
CA GLU B 68 6.36 15.75 -27.64
C GLU B 68 6.96 14.42 -28.05
N LEU B 69 6.89 14.11 -29.35
CA LEU B 69 7.44 12.89 -29.90
C LEU B 69 8.49 13.21 -30.96
N THR B 70 9.51 12.35 -31.05
CA THR B 70 10.51 12.48 -32.09
C THR B 70 9.96 11.93 -33.41
N ALA B 71 10.69 12.22 -34.49
CA ALA B 71 10.29 11.74 -35.81
C ALA B 71 10.23 10.21 -35.84
N GLU B 72 11.22 9.56 -35.24
CA GLU B 72 11.21 8.09 -35.18
C GLU B 72 10.01 7.59 -34.40
N GLU B 73 9.67 8.24 -33.28
CA GLU B 73 8.51 7.82 -32.50
C GLU B 73 7.22 8.03 -33.28
N ILE B 74 7.13 9.11 -34.07
CA ILE B 74 5.91 9.39 -34.81
C ILE B 74 5.79 8.47 -36.01
N GLU B 75 6.89 8.22 -36.70
CA GLU B 75 6.88 7.51 -37.98
C GLU B 75 7.15 6.02 -37.85
N PHE B 76 7.32 5.50 -36.62
CA PHE B 76 7.65 4.09 -36.46
C PHE B 76 6.57 3.21 -37.09
N ASP B 77 7.01 2.23 -37.88
CA ASP B 77 6.11 1.32 -38.59
C ASP B 77 6.46 -0.11 -38.20
N VAL B 78 5.44 -0.86 -37.76
CA VAL B 78 5.66 -2.24 -37.35
C VAL B 78 6.01 -3.12 -38.55
N ASN B 79 5.57 -2.74 -39.76
CA ASN B 79 5.78 -3.58 -40.94
C ASN B 79 7.18 -3.44 -41.51
N VAL B 80 7.96 -2.47 -41.07
CA VAL B 80 9.34 -2.33 -41.52
C VAL B 80 10.23 -3.26 -40.72
N ALA B 81 11.10 -3.99 -41.42
CA ALA B 81 12.07 -4.89 -40.79
C ALA B 81 13.37 -4.13 -40.62
N TYR B 82 13.58 -3.59 -39.42
CA TYR B 82 14.75 -2.76 -39.15
C TYR B 82 16.00 -3.61 -39.01
N ASP B 83 17.11 -3.11 -39.54
CA ASP B 83 18.41 -3.75 -39.65
C ASP B 83 19.35 -3.28 -38.54
N PRO B 84 20.16 -4.18 -37.97
CA PRO B 84 20.19 -5.63 -38.25
C PRO B 84 19.06 -6.40 -37.56
N PRO B 85 18.40 -7.30 -38.30
CA PRO B 85 17.14 -7.88 -37.80
C PRO B 85 17.29 -8.72 -36.53
N LEU B 86 18.27 -9.63 -36.48
CA LEU B 86 18.44 -10.47 -35.29
C LEU B 86 18.74 -9.62 -34.06
N ALA B 87 19.68 -8.69 -34.18
CA ALA B 87 20.03 -7.84 -33.05
C ALA B 87 18.85 -6.94 -32.67
N SER B 88 18.09 -6.45 -33.65
CA SER B 88 16.97 -5.58 -33.35
C SER B 88 15.82 -6.36 -32.71
N VAL B 89 15.48 -7.53 -33.25
CA VAL B 89 14.43 -8.35 -32.66
C VAL B 89 14.82 -8.77 -31.25
N ALA B 90 16.08 -9.14 -31.05
CA ALA B 90 16.54 -9.50 -29.71
C ALA B 90 16.48 -8.31 -28.76
N ALA B 91 16.82 -7.11 -29.26
CA ALA B 91 16.75 -5.92 -28.41
C ALA B 91 15.31 -5.55 -28.10
N ILE B 92 14.40 -5.73 -29.06
CA ILE B 92 12.98 -5.47 -28.83
C ILE B 92 12.44 -6.42 -27.75
N ALA B 93 12.73 -7.72 -27.90
CA ALA B 93 12.24 -8.69 -26.92
C ALA B 93 12.84 -8.44 -25.54
N ASP B 94 14.11 -8.08 -25.49
CA ASP B 94 14.77 -7.84 -24.21
C ASP B 94 14.11 -6.69 -23.46
N ARG B 95 13.90 -5.55 -24.14
CA ARG B 95 13.32 -4.40 -23.46
C ARG B 95 11.88 -4.69 -23.03
N LEU B 96 11.15 -5.46 -23.82
CA LEU B 96 9.78 -5.83 -23.44
C LEU B 96 9.77 -6.64 -22.15
N LEU B 97 10.70 -7.59 -22.00
CA LEU B 97 10.79 -8.37 -20.78
C LEU B 97 11.17 -7.49 -19.58
N ARG B 98 12.09 -6.55 -19.78
CA ARG B 98 12.42 -5.65 -18.69
C ARG B 98 11.30 -4.65 -18.43
N CYS B 99 10.46 -4.38 -19.43
CA CYS B 99 9.23 -3.63 -19.19
C CYS B 99 8.29 -4.42 -18.29
N VAL B 100 8.24 -5.74 -18.46
CA VAL B 100 7.43 -6.58 -17.58
C VAL B 100 7.92 -6.47 -16.14
N ILE B 101 9.23 -6.47 -15.94
CA ILE B 101 9.79 -6.36 -14.59
C ILE B 101 9.48 -5.00 -13.99
N SER B 102 9.68 -3.93 -14.78
CA SER B 102 9.39 -2.58 -14.29
C SER B 102 7.93 -2.44 -13.89
N TRP B 103 7.03 -3.12 -14.61
CA TRP B 103 5.60 -3.06 -14.32
C TRP B 103 5.27 -3.74 -13.00
N LEU B 104 5.72 -4.98 -12.82
CA LEU B 104 5.33 -5.80 -11.68
C LEU B 104 6.27 -5.65 -10.49
N ASN B 105 7.58 -5.68 -10.73
CA ASN B 105 8.55 -5.58 -9.64
C ASN B 105 8.68 -4.15 -9.12
N ASP B 106 8.74 -3.17 -10.02
CA ASP B 106 8.98 -1.79 -9.65
C ASP B 106 7.71 -0.94 -9.61
N TYR B 107 6.55 -1.56 -9.78
CA TYR B 107 5.25 -0.89 -9.58
C TYR B 107 5.03 0.26 -10.57
N GLN B 108 5.51 0.10 -11.79
CA GLN B 108 5.26 1.11 -12.81
C GLN B 108 3.94 0.84 -13.51
N THR B 109 3.41 1.88 -14.15
CA THR B 109 2.11 1.77 -14.80
C THR B 109 2.19 0.90 -16.05
N LEU B 110 1.07 0.23 -16.34
CA LEU B 110 0.99 -0.56 -17.55
C LEU B 110 1.11 0.27 -18.83
N PRO B 111 0.53 1.47 -18.95
CA PRO B 111 0.74 2.24 -20.18
C PRO B 111 2.19 2.60 -20.46
N THR B 112 3.02 2.73 -19.44
CA THR B 112 4.42 3.12 -19.65
C THR B 112 5.36 1.92 -19.75
N THR B 113 4.87 0.70 -19.60
CA THR B 113 5.72 -0.48 -19.69
C THR B 113 5.30 -1.38 -20.84
N VAL B 114 4.40 -2.33 -20.60
CA VAL B 114 4.05 -3.30 -21.63
C VAL B 114 3.35 -2.62 -22.80
N LEU B 115 2.49 -1.64 -22.52
CA LEU B 115 1.73 -0.97 -23.57
C LEU B 115 2.52 0.11 -24.31
N SER B 116 3.69 0.51 -23.79
CA SER B 116 4.53 1.45 -24.52
C SER B 116 5.08 0.84 -25.82
N CYS B 117 5.16 -0.48 -25.90
CA CYS B 117 5.63 -1.14 -27.10
C CYS B 117 4.59 -1.03 -28.22
N ARG B 118 5.03 -0.62 -29.41
CA ARG B 118 4.10 -0.51 -30.53
C ARG B 118 3.63 -1.87 -31.04
N TYR B 119 4.40 -2.93 -30.77
CA TYR B 119 4.00 -4.25 -31.25
C TYR B 119 2.87 -4.82 -30.39
N THR B 120 2.93 -4.63 -29.07
CA THR B 120 1.85 -5.09 -28.22
C THR B 120 0.57 -4.33 -28.49
N GLU B 121 0.68 -3.02 -28.77
CA GLU B 121 -0.49 -2.26 -29.17
C GLU B 121 -1.06 -2.78 -30.47
N SER B 122 -0.20 -3.14 -31.43
CA SER B 122 -0.67 -3.62 -32.73
C SER B 122 -1.38 -4.95 -32.59
N LEU B 123 -0.82 -5.88 -31.83
CA LEU B 123 -1.45 -7.19 -31.65
C LEU B 123 -2.78 -7.07 -30.90
N LEU B 124 -2.80 -6.30 -29.81
CA LEU B 124 -4.04 -6.14 -29.05
C LEU B 124 -5.13 -5.48 -29.87
N SER B 125 -4.76 -4.60 -30.82
CA SER B 125 -5.76 -3.91 -31.63
C SER B 125 -6.41 -4.86 -32.62
N SER B 126 -5.62 -5.73 -33.27
CA SER B 126 -6.21 -6.72 -34.17
C SER B 126 -6.97 -7.79 -33.39
N LEU B 127 -6.53 -8.10 -32.17
CA LEU B 127 -7.20 -9.11 -31.36
C LEU B 127 -8.57 -8.64 -30.90
N VAL B 128 -8.74 -7.33 -30.74
CA VAL B 128 -10.04 -6.79 -30.34
C VAL B 128 -11.10 -7.10 -31.41
N LYS B 129 -10.71 -7.02 -32.68
CA LYS B 129 -11.67 -7.26 -33.76
C LYS B 129 -12.02 -8.74 -33.88
N GLY B 130 -11.05 -9.62 -33.67
CA GLY B 130 -11.27 -11.05 -33.75
C GLY B 130 -10.00 -11.86 -33.61
N SER B 135 0.40 -12.76 -35.70
CA SER B 135 0.85 -11.38 -35.65
C SER B 135 -0.03 -10.46 -36.51
N SER B 136 -0.07 -9.19 -36.15
CA SER B 136 -0.89 -8.20 -36.83
C SER B 136 -0.10 -7.39 -37.85
N TRP B 137 1.16 -7.73 -38.07
CA TRP B 137 2.03 -7.00 -39.00
C TRP B 137 2.76 -7.98 -39.90
N CYS B 138 2.96 -7.58 -41.16
CA CYS B 138 3.66 -8.38 -42.15
C CYS B 138 4.86 -7.60 -42.64
N THR B 139 6.06 -8.01 -42.21
CA THR B 139 7.30 -7.37 -42.64
C THR B 139 8.02 -8.15 -43.73
N GLY B 140 7.68 -9.43 -43.93
CA GLY B 140 8.40 -10.27 -44.86
C GLY B 140 9.67 -10.86 -44.29
N ASN B 141 10.03 -10.54 -43.05
CA ASN B 141 11.21 -11.09 -42.39
C ASN B 141 10.75 -12.05 -41.29
N ILE B 142 11.45 -13.18 -41.17
CA ILE B 142 10.96 -14.25 -40.31
C ILE B 142 11.15 -13.91 -38.84
N LEU B 143 12.12 -13.07 -38.52
CA LEU B 143 12.37 -12.72 -37.12
C LEU B 143 11.29 -11.79 -36.59
N TYR B 144 10.83 -10.84 -37.43
CA TYR B 144 9.79 -9.91 -37.00
C TYR B 144 8.41 -10.55 -37.01
N ASP B 145 8.09 -11.34 -38.04
CA ASP B 145 6.72 -11.81 -38.23
C ASP B 145 6.41 -13.03 -37.37
N LYS B 146 7.37 -13.94 -37.22
CA LYS B 146 7.15 -15.20 -36.52
C LYS B 146 7.77 -15.23 -35.14
N VAL B 147 9.06 -14.93 -35.02
CA VAL B 147 9.73 -14.99 -33.72
C VAL B 147 9.23 -13.88 -32.81
N LEU B 148 9.27 -12.63 -33.28
CA LEU B 148 8.85 -11.51 -32.44
C LEU B 148 7.34 -11.55 -32.19
N GLY B 149 6.57 -11.99 -33.18
CA GLY B 149 5.13 -12.12 -32.99
C GLY B 149 4.77 -13.08 -31.87
N SER B 150 5.51 -14.18 -31.77
CA SER B 150 5.29 -15.12 -30.67
C SER B 150 5.65 -14.49 -29.33
N CYS B 151 6.72 -13.71 -29.30
CA CYS B 151 7.10 -13.01 -28.06
C CYS B 151 5.98 -12.10 -27.59
N ILE B 152 5.49 -11.24 -28.48
CA ILE B 152 4.42 -10.30 -28.12
C ILE B 152 3.19 -11.06 -27.64
N LEU B 153 2.87 -12.17 -28.31
CA LEU B 153 1.72 -12.96 -27.91
C LEU B 153 1.89 -13.56 -26.51
N GLY B 154 3.12 -13.96 -26.17
CA GLY B 154 3.36 -14.52 -24.85
C GLY B 154 3.17 -13.49 -23.75
N VAL B 155 3.73 -12.29 -23.94
CA VAL B 155 3.56 -11.23 -22.96
C VAL B 155 2.10 -10.78 -22.89
N CYS B 156 1.42 -10.70 -24.03
CA CYS B 156 0.01 -10.34 -24.01
C CYS B 156 -0.81 -11.40 -23.29
N TYR B 157 -0.43 -12.67 -23.43
CA TYR B 157 -1.08 -13.72 -22.66
C TYR B 157 -0.82 -13.55 -21.16
N LEU B 158 0.38 -13.06 -20.81
CA LEU B 158 0.72 -12.85 -19.41
C LEU B 158 -0.17 -11.76 -18.79
N THR B 159 -0.26 -10.61 -19.45
CA THR B 159 -1.06 -9.51 -18.89
C THR B 159 -2.52 -9.90 -18.76
N LYS B 160 -3.03 -10.72 -19.67
CA LYS B 160 -4.40 -11.22 -19.52
C LYS B 160 -4.53 -12.07 -18.26
N PHE B 161 -3.51 -12.85 -17.94
CA PHE B 161 -3.54 -13.67 -16.74
C PHE B 161 -3.46 -12.80 -15.49
N VAL B 162 -2.66 -11.73 -15.54
CA VAL B 162 -2.60 -10.78 -14.43
C VAL B 162 -3.96 -10.13 -14.21
N GLN B 163 -4.70 -9.87 -15.30
CA GLN B 163 -6.03 -9.31 -15.17
C GLN B 163 -6.96 -10.25 -14.41
N LYS B 164 -6.85 -11.56 -14.69
CA LYS B 164 -7.65 -12.53 -13.95
C LYS B 164 -7.28 -12.55 -12.48
N LEU B 165 -5.98 -12.44 -12.18
CA LEU B 165 -5.52 -12.41 -10.80
C LEU B 165 -6.10 -11.22 -10.04
N LEU B 166 -6.10 -10.04 -10.68
CA LEU B 166 -6.62 -8.85 -10.03
C LEU B 166 -8.13 -8.90 -9.88
N SER B 167 -8.83 -9.63 -10.76
CA SER B 167 -10.29 -9.70 -10.66
C SER B 167 -10.75 -10.38 -9.39
N ALA B 168 -9.89 -11.19 -8.75
CA ALA B 168 -10.27 -11.85 -7.51
C ALA B 168 -10.33 -10.89 -6.33
N GLY B 169 -9.82 -9.68 -6.47
CA GLY B 169 -9.85 -8.72 -5.38
C GLY B 169 -8.96 -9.05 -4.21
N ILE B 170 -7.88 -9.81 -4.44
CA ILE B 170 -7.00 -10.19 -3.35
C ILE B 170 -6.23 -8.98 -2.82
N VAL B 171 -5.55 -8.27 -3.72
CA VAL B 171 -4.78 -7.08 -3.34
C VAL B 171 -5.47 -5.83 -3.86
N PHE B 172 -4.86 -4.68 -3.64
CA PHE B 172 -5.47 -3.38 -3.93
C PHE B 172 -4.96 -2.84 -5.26
N GLU B 173 -5.89 -2.44 -6.11
CA GLU B 173 -5.54 -1.95 -7.44
C GLU B 173 -4.84 -0.59 -7.35
N GLU B 174 -3.93 -0.36 -8.29
CA GLU B 174 -3.17 0.89 -8.38
C GLU B 174 -2.44 1.21 -7.07
N GLU B 175 -2.00 0.17 -6.37
CA GLU B 175 -1.16 0.33 -5.19
C GLU B 175 -0.14 -0.79 -5.19
N ASP B 176 -0.62 -2.03 -5.18
CA ASP B 176 0.26 -3.19 -5.33
C ASP B 176 0.55 -3.48 -6.79
N LEU B 177 -0.37 -3.13 -7.69
CA LEU B 177 -0.26 -3.48 -9.10
C LEU B 177 -1.17 -2.57 -9.91
N ASN B 178 -0.59 -1.93 -10.92
CA ASN B 178 -1.32 -1.04 -11.83
C ASN B 178 -1.82 -1.84 -13.03
N PHE B 179 -3.10 -1.68 -13.35
CA PHE B 179 -3.67 -2.31 -14.53
C PHE B 179 -4.58 -1.32 -15.27
N ASN B 180 -3.98 -0.24 -15.76
CA ASN B 180 -4.66 0.66 -16.68
C ASN B 180 -4.33 0.17 -18.10
N ASN B 181 -5.19 -0.69 -18.62
CA ASN B 181 -5.00 -1.25 -19.96
C ASN B 181 -5.65 -0.38 -21.04
N MSE B 182 -6.08 0.84 -20.72
CA MSE B 182 -6.60 1.80 -21.68
C MSE B 182 -7.75 1.26 -22.54
O MSE B 182 -7.77 1.45 -23.75
CB MSE B 182 -5.47 2.27 -22.59
CG MSE B 182 -4.39 3.03 -21.84
SE MSE B 182 -2.83 3.42 -22.93
CE MSE B 182 -2.97 5.37 -22.92
N GLY B 183 -8.71 0.61 -21.89
CA GLY B 183 -9.90 0.15 -22.57
C GLY B 183 -9.75 -1.07 -23.44
N PHE B 184 -8.69 -1.85 -23.26
CA PHE B 184 -8.50 -3.06 -24.05
C PHE B 184 -9.34 -4.20 -23.50
N ASN B 185 -10.18 -4.78 -24.36
CA ASN B 185 -10.98 -5.96 -24.02
C ASN B 185 -10.90 -6.91 -25.21
N THR B 186 -10.25 -8.06 -25.02
CA THR B 186 -10.02 -9.02 -26.10
C THR B 186 -11.08 -10.10 -26.16
N PHE B 187 -12.05 -10.09 -25.23
CA PHE B 187 -13.14 -11.06 -25.18
C PHE B 187 -12.52 -12.46 -25.17
N ASP B 188 -13.00 -13.39 -26.00
CA ASP B 188 -12.41 -14.71 -26.15
C ASP B 188 -11.47 -14.80 -27.34
N ASN B 189 -11.11 -13.67 -27.94
CA ASN B 189 -10.32 -13.69 -29.17
C ASN B 189 -8.88 -14.09 -28.91
N LEU B 190 -8.32 -13.73 -27.76
CA LEU B 190 -6.94 -14.10 -27.45
C LEU B 190 -6.84 -15.61 -27.29
N PRO B 191 -5.86 -16.26 -27.93
CA PRO B 191 -5.84 -17.73 -27.95
C PRO B 191 -5.52 -18.30 -26.58
N GLY B 192 -5.77 -19.61 -26.46
CA GLY B 192 -5.53 -20.32 -25.23
C GLY B 192 -4.06 -20.61 -24.99
N GLN B 193 -3.79 -21.23 -23.84
CA GLN B 193 -2.40 -21.46 -23.43
C GLN B 193 -1.67 -22.37 -24.41
N ASP B 194 -2.36 -23.41 -24.90
CA ASP B 194 -1.71 -24.37 -25.79
C ASP B 194 -1.21 -23.69 -27.06
N VAL B 195 -2.01 -22.78 -27.63
CA VAL B 195 -1.60 -22.10 -28.85
C VAL B 195 -0.39 -21.21 -28.59
N VAL B 196 -0.38 -20.51 -27.45
CA VAL B 196 0.72 -19.61 -27.14
C VAL B 196 2.02 -20.38 -26.94
N ILE B 197 1.97 -21.49 -26.21
CA ILE B 197 3.18 -22.28 -25.98
C ILE B 197 3.67 -22.90 -27.27
N ASN B 198 2.75 -23.39 -28.11
CA ASN B 198 3.15 -23.94 -29.40
C ASN B 198 3.75 -22.86 -30.30
N SER B 199 3.17 -21.66 -30.28
CA SER B 199 3.72 -20.56 -31.08
C SER B 199 5.13 -20.21 -30.64
N LEU B 200 5.37 -20.18 -29.32
CA LEU B 200 6.70 -19.87 -28.81
C LEU B 200 7.68 -21.01 -29.08
N THR B 201 7.20 -22.26 -29.03
CA THR B 201 8.05 -23.39 -29.36
C THR B 201 8.43 -23.38 -30.84
N GLU B 202 7.48 -23.07 -31.71
CA GLU B 202 7.78 -23.02 -33.15
C GLU B 202 8.82 -21.95 -33.46
N SER B 203 8.74 -20.79 -32.79
CA SER B 203 9.78 -19.78 -32.96
C SER B 203 11.11 -20.26 -32.41
N LEU B 204 11.09 -21.10 -31.37
CA LEU B 204 12.34 -21.66 -30.86
C LEU B 204 13.00 -22.56 -31.89
N GLN B 205 12.21 -23.37 -32.59
CA GLN B 205 12.77 -24.27 -33.60
C GLN B 205 13.35 -23.50 -34.79
N ILE B 206 12.74 -22.36 -35.14
CA ILE B 206 13.32 -21.52 -36.18
C ILE B 206 14.71 -21.05 -35.78
N LEU B 207 14.89 -20.71 -34.49
CA LEU B 207 16.20 -20.29 -34.01
C LEU B 207 17.20 -21.44 -34.00
N GLU B 208 16.73 -22.67 -33.75
CA GLU B 208 17.62 -23.83 -33.83
C GLU B 208 18.16 -24.01 -35.24
N ALA B 209 17.34 -23.69 -36.25
CA ALA B 209 17.74 -23.94 -37.64
C ALA B 209 18.93 -23.09 -38.04
N TYR B 210 19.11 -21.94 -37.39
CA TYR B 210 20.21 -21.04 -37.74
C TYR B 210 21.56 -21.72 -37.49
N SER B 211 22.36 -21.83 -38.54
CA SER B 211 23.67 -22.46 -38.43
C SER B 211 24.64 -21.59 -37.65
N ASP B 212 24.66 -20.29 -37.93
CA ASP B 212 25.56 -19.38 -37.24
C ASP B 212 25.10 -19.17 -35.80
N ASP B 213 26.06 -19.15 -34.88
CA ASP B 213 25.81 -18.93 -33.46
C ASP B 213 26.40 -17.60 -33.05
N SER B 214 25.57 -16.72 -32.49
CA SER B 214 25.99 -15.42 -32.01
C SER B 214 25.42 -15.21 -30.61
N LEU B 215 26.01 -14.24 -29.90
CA LEU B 215 25.51 -13.90 -28.57
C LEU B 215 24.08 -13.36 -28.64
N HIS B 216 23.76 -12.61 -29.69
CA HIS B 216 22.38 -12.13 -29.86
C HIS B 216 21.42 -13.30 -30.05
N LEU B 217 21.85 -14.34 -30.77
CA LEU B 217 20.99 -15.51 -30.96
C LEU B 217 20.78 -16.26 -29.65
N THR B 218 21.84 -16.43 -28.87
CA THR B 218 21.70 -17.06 -27.56
C THR B 218 20.75 -16.26 -26.68
N MSE B 219 20.85 -14.93 -26.71
CA MSE B 219 19.95 -14.05 -25.98
C MSE B 219 18.48 -14.32 -26.34
O MSE B 219 17.62 -14.43 -25.46
CB MSE B 219 20.28 -12.59 -26.27
CG MSE B 219 21.26 -11.97 -25.30
SE MSE B 219 20.36 -11.25 -23.73
CE MSE B 219 19.39 -9.79 -24.60
N LEU B 220 18.21 -14.39 -27.65
CA LEU B 220 16.83 -14.56 -28.11
C LEU B 220 16.29 -15.93 -27.72
N LYS B 221 17.15 -16.97 -27.74
CA LYS B 221 16.73 -18.29 -27.29
C LYS B 221 16.34 -18.26 -25.81
N HIS B 222 17.14 -17.60 -24.97
CA HIS B 222 16.81 -17.54 -23.55
C HIS B 222 15.57 -16.69 -23.30
N ILE B 223 15.43 -15.58 -24.04
CA ILE B 223 14.24 -14.75 -23.91
C ILE B 223 12.98 -15.55 -24.23
N LEU B 224 13.03 -16.33 -25.32
CA LEU B 224 11.88 -17.13 -25.73
C LEU B 224 11.50 -18.13 -24.67
N LYS B 225 12.48 -18.81 -24.07
CA LYS B 225 12.17 -19.80 -23.04
C LYS B 225 11.65 -19.13 -21.76
N ILE B 226 12.16 -17.94 -21.45
CA ILE B 226 11.66 -17.18 -20.30
C ILE B 226 10.18 -16.87 -20.49
N ILE B 227 9.81 -16.42 -21.68
CA ILE B 227 8.40 -16.10 -21.96
C ILE B 227 7.54 -17.33 -21.81
N ILE B 228 8.03 -18.49 -22.25
CA ILE B 228 7.30 -19.74 -22.08
C ILE B 228 7.04 -20.01 -20.60
N CYS B 229 8.05 -19.76 -19.75
CA CYS B 229 7.88 -19.98 -18.32
C CYS B 229 6.84 -19.04 -17.73
N LEU B 230 6.83 -17.78 -18.19
CA LEU B 230 5.85 -16.83 -17.67
C LEU B 230 4.44 -17.22 -18.06
N VAL B 231 4.28 -17.78 -19.26
CA VAL B 231 2.96 -18.25 -19.71
C VAL B 231 2.49 -19.43 -18.85
N HIS B 232 3.43 -20.21 -18.32
CA HIS B 232 3.09 -21.37 -17.51
C HIS B 232 2.73 -21.01 -16.07
N LEU B 233 2.74 -19.73 -15.70
CA LEU B 233 2.46 -19.38 -14.31
C LEU B 233 1.00 -19.62 -13.96
N GLU B 234 0.11 -19.65 -14.95
CA GLU B 234 -1.30 -19.90 -14.67
C GLU B 234 -1.56 -21.34 -14.25
N ASP B 235 -0.60 -22.25 -14.42
CA ASP B 235 -0.80 -23.63 -14.02
C ASP B 235 -1.04 -23.76 -12.52
N HIS B 236 -0.50 -22.83 -11.72
CA HIS B 236 -0.64 -22.94 -10.27
C HIS B 236 -2.05 -22.61 -9.78
N LEU B 237 -2.87 -22.01 -10.62
CA LEU B 237 -4.27 -21.76 -10.29
C LEU B 237 -5.23 -22.66 -11.05
N THR B 238 -4.99 -22.89 -12.35
CA THR B 238 -5.91 -23.72 -13.13
C THR B 238 -5.89 -25.16 -12.64
N ASP B 239 -4.71 -25.70 -12.38
CA ASP B 239 -4.56 -27.09 -11.94
C ASP B 239 -3.98 -27.19 -10.53
N TYR B 240 -3.65 -26.06 -9.90
CA TYR B 240 -3.05 -26.04 -8.56
C TYR B 240 -1.77 -26.88 -8.53
N SER B 241 -1.00 -26.79 -9.60
CA SER B 241 0.23 -27.54 -9.72
C SER B 241 1.28 -27.01 -8.74
N THR B 242 2.00 -27.93 -8.11
CA THR B 242 3.10 -27.58 -7.22
C THR B 242 4.45 -27.82 -7.87
N LYS B 243 4.49 -28.20 -9.14
CA LYS B 243 5.75 -28.50 -9.81
C LYS B 243 6.55 -27.23 -10.03
N THR B 244 7.87 -27.35 -9.92
CA THR B 244 8.77 -26.21 -9.99
C THR B 244 9.66 -26.23 -11.22
N SER B 245 9.34 -27.06 -12.23
CA SER B 245 10.22 -27.21 -13.37
C SER B 245 10.34 -25.91 -14.16
N HIS B 246 9.21 -25.35 -14.59
CA HIS B 246 9.23 -24.08 -15.31
C HIS B 246 9.77 -22.95 -14.44
N LEU B 247 9.50 -22.99 -13.13
CA LEU B 247 10.05 -21.96 -12.25
C LEU B 247 11.57 -22.09 -12.16
N ASP B 248 12.08 -23.33 -12.13
CA ASP B 248 13.53 -23.51 -12.11
C ASP B 248 14.15 -23.09 -13.45
N GLU B 249 13.49 -23.41 -14.56
CA GLU B 249 13.99 -22.98 -15.87
C GLU B 249 14.02 -21.47 -15.96
N LEU B 250 13.01 -20.80 -15.38
CA LEU B 250 12.99 -19.34 -15.40
C LEU B 250 14.19 -18.77 -14.66
N ILE B 251 14.60 -19.40 -13.57
CA ILE B 251 15.76 -18.94 -12.82
C ILE B 251 17.04 -19.17 -13.61
N GLU B 252 17.19 -20.36 -14.20
CA GLU B 252 18.40 -20.68 -14.96
C GLU B 252 18.57 -19.73 -16.14
N ASN B 253 17.49 -19.51 -16.90
CA ASN B 253 17.60 -18.66 -18.08
C ASN B 253 17.82 -17.20 -17.71
N ALA B 254 17.23 -16.75 -16.61
CA ALA B 254 17.47 -15.39 -16.16
C ALA B 254 18.93 -15.21 -15.73
N ASN B 255 19.51 -16.24 -15.10
CA ASN B 255 20.92 -16.17 -14.71
C ASN B 255 21.84 -16.15 -15.92
N SER B 256 21.52 -16.95 -16.95
CA SER B 256 22.36 -16.99 -18.14
C SER B 256 22.34 -15.65 -18.87
N VAL B 257 21.17 -15.00 -18.92
CA VAL B 257 21.07 -13.71 -19.60
C VAL B 257 21.88 -12.65 -18.86
N ASN B 258 21.88 -12.70 -17.52
CA ASN B 258 22.60 -11.70 -16.75
C ASN B 258 24.10 -11.72 -17.06
N GLY B 259 24.68 -12.91 -17.24
CA GLY B 259 26.06 -12.99 -17.65
C GLY B 259 26.30 -12.54 -19.07
N ILE B 260 25.25 -12.54 -19.89
CA ILE B 260 25.38 -12.12 -21.28
C ILE B 260 25.30 -10.60 -21.41
N PHE B 261 24.54 -9.94 -20.53
CA PHE B 261 24.36 -8.49 -20.60
C PHE B 261 25.65 -7.70 -20.74
N PRO B 262 26.69 -7.89 -19.90
CA PRO B 262 27.88 -7.05 -20.07
C PRO B 262 28.60 -7.26 -21.40
N GLN B 263 28.39 -8.41 -22.05
CA GLN B 263 29.22 -8.76 -23.21
C GLN B 263 28.76 -8.09 -24.50
N LEU B 264 27.52 -7.62 -24.57
CA LEU B 264 27.01 -7.06 -25.81
C LEU B 264 26.16 -5.83 -25.52
N GLN B 265 25.97 -5.03 -26.57
CA GLN B 265 25.22 -3.78 -26.51
C GLN B 265 23.96 -3.92 -27.34
N LEU B 266 22.84 -3.50 -26.78
CA LEU B 266 21.52 -3.65 -27.40
C LEU B 266 20.91 -2.28 -27.67
N SER B 267 20.39 -2.10 -28.88
CA SER B 267 19.68 -0.89 -29.25
C SER B 267 18.42 -1.24 -30.02
N PRO B 268 17.25 -1.14 -29.39
CA PRO B 268 16.01 -1.34 -30.15
C PRO B 268 15.86 -0.27 -31.20
N PRO B 269 15.11 -0.55 -32.27
CA PRO B 269 14.82 0.49 -33.25
C PRO B 269 14.15 1.70 -32.59
N LYS B 270 14.61 2.88 -32.98
CA LYS B 270 14.08 4.11 -32.40
C LYS B 270 12.59 4.25 -32.69
N GLY B 271 11.83 4.56 -31.64
CA GLY B 271 10.39 4.64 -31.75
C GLY B 271 9.65 3.36 -31.49
N ALA B 272 10.36 2.25 -31.24
CA ALA B 272 9.70 1.00 -30.90
C ALA B 272 8.97 1.12 -29.57
N PHE B 273 9.56 1.83 -28.61
CA PHE B 273 8.94 2.08 -27.31
C PHE B 273 8.82 3.58 -27.14
N SER B 274 7.61 4.06 -26.91
CA SER B 274 7.36 5.48 -26.83
C SER B 274 6.08 5.73 -26.05
N THR B 275 5.81 7.02 -25.78
CA THR B 275 4.56 7.46 -25.20
C THR B 275 3.50 7.72 -26.26
N TYR B 276 3.69 7.19 -27.47
CA TYR B 276 2.76 7.43 -28.58
C TYR B 276 1.34 6.99 -28.23
N ILE B 277 1.22 5.85 -27.55
CA ILE B 277 -0.11 5.31 -27.26
C ILE B 277 -0.87 6.20 -26.28
N GLN B 278 -0.16 6.90 -25.40
CA GLN B 278 -0.84 7.84 -24.51
C GLN B 278 -1.43 9.01 -25.27
N LYS B 279 -0.84 9.36 -26.41
CA LYS B 279 -1.26 10.58 -27.10
C LYS B 279 -2.42 10.33 -28.07
N HIS B 280 -2.49 9.14 -28.68
CA HIS B 280 -3.45 8.88 -29.73
C HIS B 280 -4.56 7.92 -29.32
N ARG B 281 -4.25 6.90 -28.52
CA ARG B 281 -5.31 6.05 -27.98
C ARG B 281 -6.09 6.82 -26.92
N SER B 282 -7.37 6.46 -26.77
CA SER B 282 -8.22 7.05 -25.75
C SER B 282 -7.56 6.97 -24.38
N ASN B 283 -7.38 8.12 -23.74
CA ASN B 283 -6.67 8.21 -22.47
C ASN B 283 -7.39 9.24 -21.60
N GLN B 284 -7.82 8.81 -20.42
CA GLN B 284 -8.48 9.69 -19.46
C GLN B 284 -7.56 10.14 -18.34
N PHE B 285 -6.26 9.86 -18.46
CA PHE B 285 -5.29 10.14 -17.42
C PHE B 285 -4.22 11.11 -17.92
N PRO B 286 -3.55 11.84 -17.04
CA PRO B 286 -2.48 12.75 -17.46
C PRO B 286 -1.31 11.96 -18.05
N PRO B 287 -0.51 12.59 -18.91
CA PRO B 287 0.64 11.88 -19.49
C PRO B 287 1.73 11.65 -18.45
N ARG B 288 2.43 10.52 -18.61
CA ARG B 288 3.53 10.16 -17.72
C ARG B 288 4.75 9.78 -18.54
N LYS B 289 5.92 10.19 -18.06
CA LYS B 289 7.16 9.80 -18.70
C LYS B 289 7.47 8.33 -18.40
N ILE B 290 8.29 7.72 -19.25
CA ILE B 290 8.71 6.34 -19.06
C ILE B 290 9.84 6.31 -18.04
N THR B 291 9.66 5.51 -16.99
CA THR B 291 10.67 5.40 -15.94
C THR B 291 11.82 4.52 -16.41
N LYS B 292 13.00 4.77 -15.85
CA LYS B 292 14.18 3.98 -16.19
C LYS B 292 13.92 2.50 -15.91
N LEU B 293 14.27 1.67 -16.88
CA LEU B 293 14.03 0.23 -16.79
C LEU B 293 15.13 -0.45 -16.00
N PRO B 294 14.86 -1.64 -15.46
CA PRO B 294 15.93 -2.42 -14.82
C PRO B 294 17.04 -2.75 -15.82
N THR B 295 18.24 -2.96 -15.30
CA THR B 295 19.39 -3.25 -16.15
C THR B 295 19.65 -4.75 -16.34
N ASP B 296 19.01 -5.61 -15.55
CA ASP B 296 19.24 -7.05 -15.64
C ASP B 296 17.90 -7.78 -15.49
N TYR B 297 17.97 -9.10 -15.54
CA TYR B 297 16.80 -9.96 -15.39
C TYR B 297 16.67 -10.53 -13.98
N SER B 298 17.33 -9.92 -12.99
CA SER B 298 17.25 -10.43 -11.63
C SER B 298 15.85 -10.40 -11.07
N GLY B 299 14.98 -9.53 -11.59
CA GLY B 299 13.60 -9.50 -11.11
C GLY B 299 12.84 -10.78 -11.38
N PHE B 300 13.18 -11.48 -12.45
CA PHE B 300 12.55 -12.76 -12.74
C PHE B 300 12.92 -13.79 -11.70
N ILE B 301 14.14 -13.72 -11.18
CA ILE B 301 14.58 -14.65 -10.13
C ILE B 301 13.77 -14.42 -8.87
N THR B 302 13.60 -13.17 -8.47
CA THR B 302 12.78 -12.85 -7.30
C THR B 302 11.35 -13.33 -7.49
N LEU B 303 10.80 -13.15 -8.70
CA LEU B 303 9.44 -13.62 -8.97
C LEU B 303 9.35 -15.13 -8.85
N ALA B 304 10.34 -15.86 -9.39
CA ALA B 304 10.26 -17.31 -9.40
C ALA B 304 10.38 -17.89 -7.99
N ASN B 305 11.30 -17.36 -7.18
CA ASN B 305 11.47 -17.89 -5.84
C ASN B 305 10.27 -17.57 -4.95
N ASP B 306 9.67 -16.39 -5.13
CA ASP B 306 8.51 -16.03 -4.34
C ASP B 306 7.32 -16.93 -4.64
N VAL B 307 7.11 -17.27 -5.92
CA VAL B 307 6.04 -18.19 -6.29
C VAL B 307 6.35 -19.59 -5.77
N LYS B 308 7.62 -20.00 -5.84
CA LYS B 308 8.00 -21.30 -5.29
C LYS B 308 7.69 -21.38 -3.80
N THR B 309 7.86 -20.28 -3.08
CA THR B 309 7.53 -20.27 -1.66
C THR B 309 6.03 -20.46 -1.44
N ILE B 310 5.22 -19.90 -2.35
CA ILE B 310 3.77 -20.02 -2.23
C ILE B 310 3.34 -21.48 -2.29
N LEU B 311 3.91 -22.24 -3.23
CA LEU B 311 3.52 -23.63 -3.42
C LEU B 311 3.87 -24.52 -2.24
N LEU B 312 4.76 -24.06 -1.34
CA LEU B 312 5.16 -24.90 -0.21
C LEU B 312 4.02 -25.15 0.76
N VAL B 313 3.05 -24.23 0.82
CA VAL B 313 1.96 -24.38 1.77
C VAL B 313 1.09 -25.58 1.45
N ASP B 314 1.16 -26.11 0.23
CA ASP B 314 0.40 -27.30 -0.12
C ASP B 314 0.87 -28.51 0.67
N LYS B 315 2.12 -28.51 1.14
CA LYS B 315 2.68 -29.62 1.89
C LYS B 315 2.29 -29.62 3.37
N ALA B 316 1.47 -28.66 3.81
CA ALA B 316 1.13 -28.57 5.22
C ALA B 316 0.24 -29.73 5.63
N GLU B 317 0.52 -30.28 6.81
CA GLU B 317 -0.24 -31.39 7.36
C GLU B 317 -1.00 -31.03 8.63
N SER B 318 -0.99 -29.76 9.03
CA SER B 318 -1.71 -29.34 10.22
C SER B 318 -2.06 -27.86 10.10
N ALA B 319 -2.99 -27.43 10.96
CA ALA B 319 -3.36 -26.02 10.99
C ALA B 319 -2.22 -25.15 11.48
N LEU B 320 -1.36 -25.69 12.35
CA LEU B 320 -0.24 -24.93 12.87
C LEU B 320 0.81 -24.67 11.78
N GLU B 321 0.95 -25.61 10.84
CA GLU B 321 1.92 -25.41 9.76
C GLU B 321 1.46 -24.33 8.78
N THR B 322 0.16 -24.28 8.49
CA THR B 322 -0.37 -23.17 7.67
C THR B 322 -0.30 -21.85 8.43
N TYR B 323 -0.63 -21.88 9.73
CA TYR B 323 -0.62 -20.66 10.52
C TYR B 323 0.77 -20.03 10.55
N GLN B 324 1.80 -20.85 10.82
CA GLN B 324 3.17 -20.34 10.83
C GLN B 324 3.67 -19.99 9.44
N PHE B 325 3.16 -20.66 8.40
CA PHE B 325 3.49 -20.26 7.05
C PHE B 325 2.97 -18.85 6.76
N ALA B 326 1.73 -18.57 7.17
CA ALA B 326 1.18 -17.22 6.99
C ALA B 326 1.93 -16.19 7.82
N LYS B 327 2.47 -16.59 8.97
CA LYS B 327 3.13 -15.62 9.84
C LYS B 327 4.51 -15.23 9.31
N PHE B 328 5.13 -16.08 8.50
CA PHE B 328 6.52 -15.90 8.12
C PHE B 328 6.79 -15.76 6.63
N PHE B 329 5.89 -16.24 5.76
CA PHE B 329 6.22 -16.26 4.34
C PHE B 329 6.36 -14.87 3.75
N ASN B 330 5.68 -13.88 4.34
CA ASN B 330 5.66 -12.51 3.83
C ASN B 330 6.10 -11.51 4.89
N LYS B 331 6.89 -11.96 5.86
CA LYS B 331 7.18 -11.18 7.06
C LYS B 331 8.54 -10.50 7.03
N LEU B 332 9.58 -11.19 6.55
CA LEU B 332 10.91 -10.62 6.57
C LEU B 332 11.08 -9.54 5.51
N GLU B 333 10.50 -9.75 4.34
CA GLU B 333 10.46 -8.71 3.31
C GLU B 333 9.22 -8.95 2.45
N GLN B 334 8.78 -7.88 1.79
CA GLN B 334 7.55 -7.94 1.01
C GLN B 334 7.74 -8.81 -0.23
N ARG B 335 6.88 -9.81 -0.38
CA ARG B 335 6.97 -10.72 -1.51
C ARG B 335 6.48 -10.06 -2.79
N HIS B 336 6.87 -10.64 -3.92
CA HIS B 336 6.40 -10.17 -5.22
C HIS B 336 4.89 -10.18 -5.26
N VAL B 337 4.32 -9.19 -5.97
CA VAL B 337 2.87 -9.00 -5.95
C VAL B 337 2.15 -10.20 -6.56
N ILE B 338 2.74 -10.81 -7.60
CA ILE B 338 2.13 -12.00 -8.20
C ILE B 338 2.03 -13.11 -7.17
N ALA B 339 3.12 -13.34 -6.42
CA ALA B 339 3.07 -14.35 -5.38
C ALA B 339 2.10 -13.98 -4.28
N ARG B 340 1.95 -12.69 -3.99
CA ARG B 340 1.04 -12.28 -2.93
C ARG B 340 -0.42 -12.43 -3.36
N ILE B 341 -0.72 -12.21 -4.64
CA ILE B 341 -2.06 -12.53 -5.13
C ILE B 341 -2.25 -14.03 -5.19
N LEU B 342 -1.20 -14.77 -5.54
CA LEU B 342 -1.32 -16.20 -5.78
C LEU B 342 -1.68 -16.96 -4.51
N PHE B 343 -1.09 -16.55 -3.37
CA PHE B 343 -1.25 -17.32 -2.14
C PHE B 343 -2.71 -17.46 -1.72
N PRO B 344 -3.50 -16.39 -1.56
CA PRO B 344 -4.90 -16.62 -1.14
C PRO B 344 -5.71 -17.41 -2.14
N LEU B 345 -5.46 -17.24 -3.45
CA LEU B 345 -6.18 -18.03 -4.45
C LEU B 345 -5.73 -19.48 -4.45
N PHE B 346 -4.44 -19.72 -4.20
CA PHE B 346 -3.92 -21.08 -4.08
C PHE B 346 -4.33 -21.72 -2.76
N PHE B 347 -4.47 -20.91 -1.71
CA PHE B 347 -4.82 -21.43 -0.38
C PHE B 347 -6.32 -21.66 -0.26
N ILE B 348 -7.13 -20.73 -0.75
CA ILE B 348 -8.58 -20.82 -0.71
C ILE B 348 -9.04 -21.04 -2.15
N ARG B 349 -9.52 -22.24 -2.44
CA ARG B 349 -9.63 -22.72 -3.82
C ARG B 349 -11.06 -22.65 -4.34
N ASP B 350 -11.24 -23.14 -5.58
CA ASP B 350 -12.49 -22.94 -6.29
C ASP B 350 -13.66 -23.67 -5.62
N ASP B 351 -13.43 -24.91 -5.18
CA ASP B 351 -14.48 -25.74 -4.61
C ASP B 351 -14.80 -25.39 -3.16
N ARG B 352 -14.51 -24.17 -2.74
CA ARG B 352 -14.77 -23.72 -1.37
C ARG B 352 -14.09 -24.63 -0.35
N THR B 353 -12.84 -24.99 -0.64
CA THR B 353 -12.01 -25.77 0.26
C THR B 353 -10.70 -25.04 0.52
N VAL B 354 -10.04 -25.41 1.61
CA VAL B 354 -8.72 -24.90 1.93
C VAL B 354 -7.72 -25.94 1.45
N LEU B 355 -6.90 -25.57 0.47
CA LEU B 355 -5.86 -26.43 -0.10
C LEU B 355 -6.42 -27.72 -0.69
N GLY B 356 -7.71 -27.75 -1.01
CA GLY B 356 -8.35 -28.97 -1.48
C GLY B 356 -8.42 -30.08 -0.46
N LYS B 357 -8.17 -29.79 0.80
CA LYS B 357 -8.13 -30.81 1.85
C LYS B 357 -9.29 -30.72 2.82
N PHE B 358 -9.61 -29.51 3.30
CA PHE B 358 -10.64 -29.31 4.30
C PHE B 358 -11.64 -28.26 3.82
N SER B 359 -12.83 -28.32 4.40
CA SER B 359 -13.80 -27.26 4.22
C SER B 359 -13.43 -26.08 5.13
N TYR B 360 -14.20 -24.99 5.04
CA TYR B 360 -13.86 -23.82 5.84
C TYR B 360 -14.05 -24.08 7.33
N THR B 361 -15.14 -24.76 7.70
CA THR B 361 -15.38 -25.02 9.12
C THR B 361 -14.43 -26.09 9.65
N GLN B 362 -14.13 -27.12 8.85
CA GLN B 362 -13.15 -28.12 9.28
C GLN B 362 -11.79 -27.47 9.52
N PHE B 363 -11.39 -26.54 8.64
CA PHE B 363 -10.12 -25.84 8.81
C PHE B 363 -10.11 -25.01 10.08
N TYR B 364 -11.23 -24.34 10.38
CA TYR B 364 -11.32 -23.53 11.59
C TYR B 364 -11.27 -24.42 12.84
N LEU B 365 -12.03 -25.51 12.84
CA LEU B 365 -12.05 -26.39 14.01
C LEU B 365 -10.69 -27.03 14.25
N LEU B 366 -9.87 -27.18 13.21
CA LEU B 366 -8.51 -27.69 13.40
C LEU B 366 -7.68 -26.70 14.21
N HIS B 367 -7.84 -25.41 13.97
CA HIS B 367 -7.11 -24.42 14.75
C HIS B 367 -7.52 -24.47 16.21
N VAL B 368 -8.82 -24.56 16.48
CA VAL B 368 -9.30 -24.64 17.86
C VAL B 368 -8.79 -25.92 18.52
N LYS B 369 -8.80 -27.03 17.79
CA LYS B 369 -8.39 -28.30 18.36
C LYS B 369 -6.91 -28.30 18.73
N GLU B 370 -6.05 -27.76 17.87
CA GLU B 370 -4.63 -27.78 18.17
C GLU B 370 -4.28 -26.82 19.30
N PHE B 371 -5.08 -25.77 19.49
CA PHE B 371 -4.84 -24.82 20.57
C PHE B 371 -5.45 -25.25 21.90
N SER B 372 -6.58 -25.97 21.87
CA SER B 372 -7.27 -26.35 23.09
C SER B 372 -7.21 -27.85 23.38
N ALA B 373 -6.86 -28.68 22.40
CA ALA B 373 -6.77 -30.12 22.57
C ALA B 373 -8.11 -30.72 23.00
N GLN B 374 -9.20 -30.24 22.42
CA GLN B 374 -10.53 -30.72 22.77
C GLN B 374 -11.36 -30.94 21.50
N THR B 375 -11.96 -32.12 21.41
CA THR B 375 -12.82 -32.44 20.29
C THR B 375 -14.11 -31.62 20.38
N PRO B 376 -14.71 -31.28 19.24
CA PRO B 376 -15.99 -30.55 19.29
C PRO B 376 -17.08 -31.31 20.03
N SER B 377 -17.15 -32.63 19.84
CA SER B 377 -18.16 -33.48 20.49
C SER B 377 -19.58 -32.97 20.27
N GLY B 384 -24.41 -26.77 10.21
CA GLY B 384 -23.61 -25.57 10.00
C GLY B 384 -23.94 -24.46 10.97
N ASN B 385 -23.22 -24.42 12.09
CA ASN B 385 -23.48 -23.41 13.12
C ASN B 385 -23.09 -22.02 12.60
N GLU B 386 -23.91 -21.02 12.95
CA GLU B 386 -23.70 -19.67 12.45
C GLU B 386 -22.45 -19.03 13.07
N LEU B 387 -22.23 -19.22 14.36
CA LEU B 387 -21.05 -18.67 15.00
C LEU B 387 -19.77 -19.28 14.44
N ILE B 388 -19.80 -20.59 14.17
CA ILE B 388 -18.63 -21.24 13.58
C ILE B 388 -18.43 -20.79 12.13
N GLN B 389 -19.54 -20.59 11.41
CA GLN B 389 -19.45 -20.11 10.03
C GLN B 389 -18.81 -18.72 9.98
N GLU B 390 -19.26 -17.83 10.87
CA GLU B 390 -18.67 -16.50 10.95
C GLU B 390 -17.21 -16.56 11.39
N SER B 391 -16.91 -17.41 12.37
CA SER B 391 -15.54 -17.52 12.84
C SER B 391 -14.63 -18.07 11.74
N SER B 392 -15.12 -19.02 10.94
CA SER B 392 -14.31 -19.59 9.86
C SER B 392 -14.01 -18.54 8.80
N ASN B 393 -15.01 -17.73 8.44
CA ASN B 393 -14.76 -16.64 7.50
C ASN B 393 -13.78 -15.63 8.08
N MSE B 394 -13.87 -15.35 9.37
CA MSE B 394 -12.97 -14.42 10.04
C MSE B 394 -11.54 -14.91 9.95
O MSE B 394 -10.60 -14.14 9.73
CB MSE B 394 -13.38 -14.22 11.50
CG MSE B 394 -12.88 -12.93 12.11
SE MSE B 394 -13.70 -11.38 11.26
CE MSE B 394 -12.06 -10.37 10.89
N LEU B 395 -11.37 -16.23 10.12
CA LEU B 395 -10.04 -16.81 10.09
C LEU B 395 -9.46 -16.77 8.68
N LEU B 396 -10.29 -17.02 7.66
CA LEU B 396 -9.80 -16.95 6.29
C LEU B 396 -9.36 -15.53 5.93
N GLU B 397 -10.11 -14.51 6.39
CA GLU B 397 -9.68 -13.14 6.17
C GLU B 397 -8.37 -12.84 6.87
N TRP B 398 -8.12 -13.46 8.03
CA TRP B 398 -6.85 -13.29 8.70
C TRP B 398 -5.70 -13.81 7.85
N TYR B 399 -5.88 -14.97 7.21
CA TYR B 399 -4.84 -15.51 6.34
C TYR B 399 -4.61 -14.60 5.14
N GLN B 400 -5.69 -14.10 4.53
CA GLN B 400 -5.57 -13.26 3.35
C GLN B 400 -4.85 -11.96 3.67
N ASN B 401 -5.06 -11.42 4.86
CA ASN B 401 -4.39 -10.18 5.25
C ASN B 401 -2.88 -10.35 5.32
N CYS B 402 -2.39 -11.58 5.52
CA CYS B 402 -0.95 -11.79 5.64
C CYS B 402 -0.21 -11.49 4.34
N SER B 403 -0.87 -11.65 3.19
CA SER B 403 -0.20 -11.41 1.92
C SER B 403 -0.41 -9.99 1.40
N GLN B 404 -0.87 -9.07 2.24
CA GLN B 404 -0.97 -7.68 1.85
C GLN B 404 0.39 -7.00 1.94
N ASN B 405 0.50 -5.80 1.37
CA ASN B 405 1.75 -5.08 1.48
C ASN B 405 1.97 -4.61 2.91
N THR B 406 3.16 -4.08 3.17
CA THR B 406 3.58 -3.81 4.54
C THR B 406 2.74 -2.73 5.23
N CYS B 407 2.08 -1.86 4.47
CA CYS B 407 1.18 -0.88 5.04
C CYS B 407 -0.23 -1.42 5.20
N ARG B 408 -0.77 -2.07 4.16
CA ARG B 408 -2.11 -2.63 4.25
C ARG B 408 -2.18 -3.74 5.28
N TYR B 409 -1.06 -4.42 5.53
CA TYR B 409 -1.02 -5.48 6.54
C TYR B 409 -1.47 -4.95 7.90
N ARG B 410 -0.91 -3.81 8.31
CA ARG B 410 -1.31 -3.23 9.59
C ARG B 410 -2.74 -2.70 9.52
N GLN B 411 -3.13 -2.13 8.37
CA GLN B 411 -4.48 -1.59 8.24
C GLN B 411 -5.54 -2.67 8.32
N GLY B 412 -5.21 -3.90 7.90
CA GLY B 412 -6.18 -4.98 7.98
C GLY B 412 -6.60 -5.31 9.40
N PHE B 413 -5.74 -5.02 10.38
CA PHE B 413 -6.09 -5.34 11.75
C PHE B 413 -7.11 -4.37 12.34
N ASN B 414 -7.22 -3.16 11.79
CA ASN B 414 -8.26 -2.22 12.22
C ASN B 414 -9.64 -2.87 12.14
N ARG B 415 -9.93 -3.53 11.03
CA ARG B 415 -11.21 -4.23 10.90
C ARG B 415 -11.29 -5.44 11.82
N GLN B 416 -10.20 -6.19 11.94
CA GLN B 416 -10.25 -7.46 12.67
C GLN B 416 -10.53 -7.25 14.16
N LEU B 417 -9.89 -6.26 14.78
CA LEU B 417 -9.91 -6.16 16.23
C LEU B 417 -11.33 -6.02 16.77
N ILE B 418 -12.16 -5.19 16.13
CA ILE B 418 -13.51 -5.02 16.63
C ILE B 418 -14.39 -6.21 16.25
N LEU B 419 -14.06 -6.91 15.15
CA LEU B 419 -14.84 -8.08 14.77
C LEU B 419 -14.50 -9.29 15.61
N TRP B 420 -13.22 -9.47 15.95
CA TRP B 420 -12.83 -10.50 16.91
C TRP B 420 -13.49 -10.25 18.27
N ASP B 421 -13.51 -8.99 18.71
CA ASP B 421 -14.10 -8.66 20.00
C ASP B 421 -15.60 -8.98 20.02
N SER B 422 -16.33 -8.53 18.99
CA SER B 422 -17.75 -8.83 18.90
C SER B 422 -18.00 -10.32 18.84
N LEU B 423 -17.15 -11.05 18.11
CA LEU B 423 -17.30 -12.50 18.02
C LEU B 423 -17.07 -13.16 19.38
N GLN B 424 -16.03 -12.71 20.10
CA GLN B 424 -15.75 -13.26 21.42
C GLN B 424 -16.90 -12.99 22.39
N ALA B 425 -17.48 -11.79 22.34
CA ALA B 425 -18.61 -11.48 23.21
C ALA B 425 -19.85 -12.29 22.84
N GLN B 426 -19.99 -12.67 21.58
CA GLN B 426 -21.16 -13.47 21.19
C GLN B 426 -21.00 -14.92 21.65
N PHE B 427 -19.78 -15.47 21.53
CA PHE B 427 -19.49 -16.76 22.15
C PHE B 427 -19.70 -16.69 23.66
N GLU B 428 -19.31 -15.57 24.28
CA GLU B 428 -19.44 -15.44 25.73
C GLU B 428 -20.90 -15.45 26.15
N SER B 429 -21.79 -14.84 25.35
CA SER B 429 -23.20 -14.79 25.74
C SER B 429 -23.86 -16.16 25.66
N VAL B 430 -23.34 -17.06 24.84
CA VAL B 430 -23.87 -18.41 24.76
C VAL B 430 -23.01 -19.41 25.54
N ASN B 431 -22.04 -18.92 26.31
CA ASN B 431 -21.26 -19.74 27.24
C ASN B 431 -20.50 -20.85 26.52
N SER B 432 -19.99 -20.55 25.33
CA SER B 432 -19.14 -21.49 24.58
C SER B 432 -17.70 -21.07 24.84
N GLN B 433 -17.12 -21.61 25.92
CA GLN B 433 -15.86 -21.09 26.44
C GLN B 433 -14.63 -21.57 25.67
N VAL B 434 -14.71 -22.71 24.98
CA VAL B 434 -13.58 -23.15 24.18
C VAL B 434 -13.36 -22.22 22.99
N TYR B 435 -14.43 -21.93 22.23
CA TYR B 435 -14.30 -21.02 21.10
C TYR B 435 -14.04 -19.59 21.58
N CYS B 436 -14.66 -19.20 22.71
CA CYS B 436 -14.36 -17.91 23.32
C CYS B 436 -12.88 -17.81 23.66
N SER B 437 -12.29 -18.88 24.17
CA SER B 437 -10.87 -18.87 24.52
C SER B 437 -10.00 -18.69 23.28
N TRP B 438 -10.28 -19.44 22.21
CA TRP B 438 -9.46 -19.34 21.00
C TRP B 438 -9.65 -17.97 20.34
N THR B 439 -10.88 -17.45 20.32
CA THR B 439 -11.10 -16.12 19.79
C THR B 439 -10.31 -15.07 20.58
N TYR B 440 -10.26 -15.22 21.90
CA TYR B 440 -9.51 -14.27 22.71
C TYR B 440 -8.03 -14.31 22.37
N PHE B 441 -7.48 -15.51 22.17
CA PHE B 441 -6.07 -15.63 21.80
C PHE B 441 -5.79 -14.91 20.50
N MSE B 442 -6.65 -15.09 19.49
CA MSE B 442 -6.46 -14.45 18.20
C MSE B 442 -6.61 -12.93 18.28
O MSE B 442 -5.83 -12.19 17.67
CB MSE B 442 -7.43 -15.01 17.18
CG MSE B 442 -7.19 -16.49 16.87
SE MSE B 442 -5.51 -16.76 15.92
CE MSE B 442 -5.99 -15.88 14.25
N LYS B 443 -7.60 -12.47 19.03
CA LYS B 443 -7.81 -11.03 19.17
C LYS B 443 -6.62 -10.37 19.86
N LEU B 444 -6.18 -10.94 20.99
CA LEU B 444 -5.11 -10.32 21.76
C LEU B 444 -3.78 -10.41 21.02
N SER B 445 -3.52 -11.52 20.33
CA SER B 445 -2.34 -11.61 19.47
C SER B 445 -2.40 -10.59 18.35
N SER B 446 -3.59 -10.35 17.79
CA SER B 446 -3.72 -9.35 16.74
C SER B 446 -3.53 -7.94 17.29
N MSE B 447 -4.00 -7.68 18.50
CA MSE B 447 -3.82 -6.38 19.13
C MSE B 447 -2.33 -6.08 19.31
O MSE B 447 -1.88 -4.96 19.07
CB MSE B 447 -4.53 -6.32 20.49
CG MSE B 447 -6.05 -6.40 20.43
SE MSE B 447 -6.85 -6.61 22.20
CE MSE B 447 -6.58 -4.81 22.90
N ILE B 448 -1.59 -7.09 19.74
CA ILE B 448 -0.16 -6.93 19.95
C ILE B 448 0.56 -6.75 18.61
N GLU B 449 0.24 -7.59 17.63
CA GLU B 449 0.87 -7.49 16.32
C GLU B 449 0.56 -6.16 15.65
N PHE B 450 -0.68 -5.69 15.78
CA PHE B 450 -1.07 -4.41 15.22
C PHE B 450 -0.27 -3.26 15.84
N SER B 451 -0.02 -3.33 17.16
CA SER B 451 0.66 -2.24 17.84
C SER B 451 2.15 -2.21 17.50
N LEU B 452 2.82 -3.36 17.58
CA LEU B 452 4.24 -3.40 17.28
C LEU B 452 4.52 -3.09 15.81
N LYS B 453 3.58 -3.43 14.92
CA LYS B 453 3.79 -3.15 13.51
C LYS B 453 3.92 -1.66 13.24
N GLY B 454 3.34 -0.82 14.11
CA GLY B 454 3.48 0.62 13.96
C GLY B 454 4.90 1.11 14.05
N PHE B 455 5.75 0.42 14.82
CA PHE B 455 7.15 0.81 14.91
C PHE B 455 7.89 0.50 13.61
N ASP B 456 7.51 -0.59 12.93
CA ASP B 456 8.16 -0.92 11.67
C ASP B 456 7.83 0.09 10.59
N LEU B 457 6.64 0.69 10.66
CA LEU B 457 6.21 1.69 9.70
C LEU B 457 6.53 3.11 10.14
N ASP B 458 7.16 3.28 11.31
CA ASP B 458 7.52 4.60 11.83
C ASP B 458 6.27 5.47 12.05
N ILE B 459 5.18 4.82 12.46
CA ILE B 459 3.97 5.55 12.79
C ILE B 459 4.16 6.37 14.06
N TYR B 460 4.87 5.81 15.04
CA TYR B 460 4.98 6.43 16.35
C TYR B 460 6.19 7.35 16.42
N LYS B 461 5.99 8.53 17.00
CA LYS B 461 7.10 9.44 17.22
C LYS B 461 7.86 9.02 18.48
N PRO B 462 9.12 9.46 18.61
CA PRO B 462 9.90 9.04 19.79
C PRO B 462 9.23 9.30 21.13
N PHE B 463 8.48 10.40 21.28
CA PHE B 463 7.85 10.66 22.57
C PHE B 463 6.70 9.71 22.86
N GLU B 464 6.14 9.08 21.83
CA GLU B 464 5.09 8.08 21.99
C GLU B 464 5.63 6.69 22.27
N ALA B 465 6.96 6.52 22.32
CA ALA B 465 7.53 5.18 22.41
C ALA B 465 7.15 4.50 23.72
N TYR B 466 7.14 5.25 24.82
CA TYR B 466 6.75 4.66 26.10
C TYR B 466 5.31 4.18 26.09
N SER B 467 4.40 4.99 25.55
CA SER B 467 2.98 4.65 25.60
C SER B 467 2.71 3.31 24.90
N MSE B 468 3.26 3.14 23.70
CA MSE B 468 3.02 1.94 22.91
CA MSE B 468 3.03 1.94 22.90
C MSE B 468 3.74 0.73 23.48
O MSE B 468 3.16 -0.36 23.60
CB MSE B 468 3.43 2.16 21.46
CB MSE B 468 3.44 2.17 21.46
CG MSE B 468 2.26 2.53 20.56
CG MSE B 468 2.65 3.26 20.75
SE MSE B 468 0.83 1.21 20.64
SE MSE B 468 0.72 3.00 20.91
CE MSE B 468 -0.47 2.13 19.51
CE MSE B 468 0.58 1.19 20.19
N PHE B 469 5.02 0.89 23.82
CA PHE B 469 5.78 -0.25 24.34
C PHE B 469 5.22 -0.72 25.68
N TRP B 470 4.78 0.22 26.53
CA TRP B 470 4.20 -0.22 27.80
C TRP B 470 2.82 -0.82 27.59
N TYR B 471 2.06 -0.30 26.63
CA TYR B 471 0.75 -0.90 26.34
C TYR B 471 0.91 -2.31 25.81
N VAL B 472 1.93 -2.56 24.99
CA VAL B 472 2.14 -3.91 24.47
C VAL B 472 2.66 -4.82 25.57
N TYR B 473 3.52 -4.30 26.44
CA TYR B 473 3.89 -5.05 27.65
C TYR B 473 2.65 -5.40 28.46
N TYR B 474 1.77 -4.43 28.67
CA TYR B 474 0.52 -4.67 29.36
C TYR B 474 -0.31 -5.75 28.65
N LEU B 475 -0.42 -5.65 27.31
CA LEU B 475 -1.14 -6.68 26.56
C LEU B 475 -0.44 -8.04 26.66
N SER B 476 0.89 -8.05 26.52
CA SER B 476 1.64 -9.30 26.59
C SER B 476 1.52 -9.95 27.96
N HIS B 477 1.41 -9.14 29.02
CA HIS B 477 1.24 -9.71 30.35
C HIS B 477 -0.09 -10.44 30.46
N HIS B 478 -1.15 -9.86 29.88
CA HIS B 478 -2.45 -10.52 29.88
C HIS B 478 -2.44 -11.76 29.00
N LEU B 479 -1.74 -11.72 27.87
CA LEU B 479 -1.66 -12.89 27.01
C LEU B 479 -0.87 -14.02 27.69
N GLU B 480 0.20 -13.68 28.40
CA GLU B 480 0.97 -14.71 29.08
C GLU B 480 0.15 -15.34 30.22
N THR B 481 -0.60 -14.52 30.96
CA THR B 481 -1.47 -15.05 32.01
C THR B 481 -2.53 -15.98 31.43
N PHE B 482 -3.15 -15.57 30.32
CA PHE B 482 -4.13 -16.42 29.65
C PHE B 482 -3.49 -17.72 29.17
N LEU B 483 -2.31 -17.64 28.55
CA LEU B 483 -1.66 -18.85 28.06
C LEU B 483 -1.24 -19.75 29.21
N LYS B 484 -0.80 -19.18 30.33
CA LYS B 484 -0.37 -20.00 31.45
C LYS B 484 -1.54 -20.78 32.05
N ASP B 485 -2.70 -20.13 32.17
CA ASP B 485 -3.90 -20.83 32.62
C ASP B 485 -4.33 -21.89 31.62
N SER B 486 -4.23 -21.60 30.32
CA SER B 486 -4.55 -22.60 29.31
C SER B 486 -3.66 -23.83 29.45
N GLN B 487 -2.36 -23.62 29.70
CA GLN B 487 -1.44 -24.75 29.82
C GLN B 487 -1.65 -25.52 31.11
N ASN B 488 -2.10 -24.83 32.17
CA ASN B 488 -2.43 -25.53 33.41
C ASN B 488 -3.64 -26.45 33.22
N ASP B 489 -4.64 -26.01 32.45
CA ASP B 489 -5.78 -26.88 32.18
C ASP B 489 -5.36 -28.10 31.38
N ILE B 490 -4.46 -27.93 30.41
CA ILE B 490 -3.94 -29.05 29.65
C ILE B 490 -3.22 -30.03 30.57
N GLU B 491 -2.37 -29.50 31.45
CA GLU B 491 -1.64 -30.37 32.38
C GLU B 491 -2.59 -31.10 33.31
N SER B 492 -3.67 -30.43 33.72
CA SER B 492 -4.68 -31.08 34.55
C SER B 492 -5.32 -32.26 33.83
N ASN B 493 -5.60 -32.10 32.53
CA ASN B 493 -6.16 -33.19 31.75
C ASN B 493 -5.14 -34.32 31.58
N ILE B 494 -3.87 -33.96 31.38
CA ILE B 494 -2.82 -34.97 31.25
C ILE B 494 -2.68 -35.76 32.55
N ASN B 495 -2.69 -35.06 33.69
CA ASN B 495 -2.54 -35.75 34.97
C ASN B 495 -3.73 -36.63 35.29
N ALA B 496 -4.93 -36.25 34.83
CA ALA B 496 -6.10 -37.09 35.05
C ALA B 496 -5.94 -38.44 34.36
N ILE B 497 -5.38 -38.45 33.15
CA ILE B 497 -5.08 -39.70 32.47
C ILE B 497 -3.99 -40.46 33.21
N HIS B 498 -2.98 -39.75 33.71
CA HIS B 498 -1.91 -40.41 34.47
C HIS B 498 -2.44 -41.03 35.75
N SER B 499 -3.39 -40.36 36.41
CA SER B 499 -3.94 -40.88 37.66
C SER B 499 -4.69 -42.19 37.44
N MSE B 500 -5.31 -42.35 36.26
CA MSE B 500 -6.00 -43.58 35.93
C MSE B 500 -5.02 -44.76 35.89
O MSE B 500 -5.33 -45.85 36.36
CB MSE B 500 -6.74 -43.47 34.59
CG MSE B 500 -8.04 -42.70 34.65
SE MSE B 500 -8.96 -42.65 32.92
CE MSE B 500 -10.62 -41.79 33.48
N ASN B 501 -3.85 -44.51 35.32
CA ASN B 501 -2.82 -45.55 35.27
C ASN B 501 -2.31 -45.89 36.66
N LYS B 502 -2.16 -44.89 37.53
CA LYS B 502 -1.78 -45.17 38.91
C LYS B 502 -2.85 -45.97 39.63
N LYS B 503 -4.13 -45.64 39.40
CA LYS B 503 -5.22 -46.34 40.05
C LYS B 503 -5.34 -47.78 39.54
N LEU B 504 -5.03 -48.01 38.26
CA LEU B 504 -5.08 -49.36 37.71
C LEU B 504 -4.10 -50.29 38.41
N LYS B 505 -2.89 -49.79 38.69
CA LYS B 505 -1.88 -50.62 39.33
C LYS B 505 -2.33 -51.08 40.71
N LYS B 506 -3.05 -50.21 41.43
CA LYS B 506 -3.55 -50.58 42.75
C LYS B 506 -4.67 -51.62 42.65
N LEU B 507 -5.44 -51.60 41.57
CA LEU B 507 -6.62 -52.45 41.45
C LEU B 507 -6.24 -53.88 41.11
N LYS B 508 -6.87 -54.82 41.78
CA LYS B 508 -6.80 -56.22 41.39
C LYS B 508 -7.79 -56.50 40.26
N ALA B 509 -7.70 -57.71 39.73
CA ALA B 509 -8.57 -58.10 38.62
C ALA B 509 -10.03 -58.15 39.06
N GLY B 510 -10.87 -57.41 38.36
CA GLY B 510 -12.30 -57.36 38.66
C GLY B 510 -13.02 -56.67 37.54
N GLU B 511 -14.35 -56.65 37.65
CA GLU B 511 -15.15 -56.04 36.60
C GLU B 511 -15.01 -54.52 36.61
N LYS B 512 -14.82 -53.91 37.78
CA LYS B 512 -14.61 -52.47 37.83
C LYS B 512 -13.27 -52.07 37.23
N LYS B 513 -12.26 -52.94 37.35
CA LYS B 513 -10.97 -52.66 36.73
C LYS B 513 -11.07 -52.68 35.21
N ASP B 514 -11.94 -53.53 34.66
CA ASP B 514 -12.19 -53.51 33.22
C ASP B 514 -12.73 -52.17 32.77
N GLN B 515 -13.63 -51.57 33.56
CA GLN B 515 -14.16 -50.25 33.23
C GLN B 515 -13.06 -49.22 33.20
N LEU B 516 -12.22 -49.20 34.24
CA LEU B 516 -11.15 -48.21 34.32
C LEU B 516 -10.13 -48.41 33.21
N ARG B 517 -9.80 -49.66 32.89
CA ARG B 517 -8.90 -49.92 31.77
C ARG B 517 -9.54 -49.49 30.44
N LEU B 518 -10.86 -49.61 30.34
CA LEU B 518 -11.55 -49.17 29.12
C LEU B 518 -11.52 -47.66 28.98
N LYS B 519 -11.82 -46.94 30.07
CA LYS B 519 -11.74 -45.49 30.05
C LYS B 519 -10.32 -45.03 29.77
N TYR B 520 -9.33 -45.70 30.39
CA TYR B 520 -7.95 -45.25 30.27
C TYR B 520 -7.40 -45.50 28.87
N ARG B 521 -7.76 -46.63 28.24
CA ARG B 521 -7.25 -46.92 26.91
C ARG B 521 -7.81 -45.94 25.87
N PHE B 522 -9.10 -45.60 25.99
CA PHE B 522 -9.68 -44.63 25.06
C PHE B 522 -8.98 -43.28 25.17
N ALA B 523 -8.71 -42.82 26.40
CA ALA B 523 -8.05 -41.54 26.58
C ALA B 523 -6.67 -41.53 25.93
N MSE B 524 -5.90 -42.60 26.13
CA MSE B 524 -4.57 -42.69 25.55
C MSE B 524 -4.63 -42.74 24.03
O MSE B 524 -3.79 -42.15 23.35
CB MSE B 524 -3.85 -43.94 26.08
CG MSE B 524 -3.56 -43.89 27.57
SE MSE B 524 -2.16 -42.62 28.01
CE MSE B 524 -0.61 -43.71 27.56
N ASP B 525 -5.64 -43.44 23.50
CA ASP B 525 -5.74 -43.60 22.05
C ASP B 525 -6.33 -42.38 21.36
N ASN B 526 -7.15 -41.60 22.05
CA ASN B 526 -7.91 -40.53 21.43
C ASN B 526 -7.57 -39.13 21.94
N GLU B 527 -6.94 -38.99 23.11
CA GLU B 527 -6.78 -37.67 23.70
C GLU B 527 -5.34 -37.33 24.08
N MSE B 528 -4.57 -38.31 24.52
CA MSE B 528 -3.25 -38.06 25.09
C MSE B 528 -2.27 -37.42 24.11
O MSE B 528 -1.60 -36.44 24.45
CB MSE B 528 -2.63 -39.36 25.63
CG MSE B 528 -1.32 -39.14 26.37
SE MSE B 528 -1.45 -37.89 27.87
CE MSE B 528 -0.69 -39.02 29.26
N GLU B 529 -2.21 -37.97 22.90
CA GLU B 529 -1.24 -37.46 21.91
C GLU B 529 -1.50 -35.99 21.59
N GLN B 530 -2.78 -35.61 21.47
CA GLN B 530 -3.11 -34.21 21.18
C GLN B 530 -2.83 -33.32 22.38
N LEU B 531 -3.08 -33.81 23.60
CA LEU B 531 -2.78 -33.04 24.79
C LEU B 531 -1.29 -32.73 24.90
N GLN B 532 -0.44 -33.74 24.63
CA GLN B 532 1.00 -33.49 24.69
C GLN B 532 1.42 -32.50 23.61
N ALA B 533 0.86 -32.63 22.40
CA ALA B 533 1.22 -31.70 21.34
C ALA B 533 0.77 -30.28 21.67
N THR B 534 -0.45 -30.15 22.18
CA THR B 534 -0.94 -28.83 22.60
C THR B 534 -0.10 -28.27 23.74
N LYS B 535 0.27 -29.12 24.70
CA LYS B 535 1.10 -28.66 25.82
C LYS B 535 2.42 -28.10 25.32
N GLN B 536 3.07 -28.79 24.38
CA GLN B 536 4.35 -28.32 23.85
C GLN B 536 4.16 -27.12 22.94
N PHE B 537 3.02 -27.01 22.26
CA PHE B 537 2.71 -25.81 21.49
C PHE B 537 2.56 -24.60 22.41
N LEU B 538 1.77 -24.74 23.48
CA LEU B 538 1.63 -23.63 24.43
C LEU B 538 2.96 -23.30 25.08
N ASN B 539 3.85 -24.28 25.21
CA ASN B 539 5.18 -24.00 25.73
C ASN B 539 5.94 -23.03 24.83
N TYR B 540 5.79 -23.19 23.51
CA TYR B 540 6.43 -22.27 22.58
C TYR B 540 5.80 -20.89 22.62
N LEU B 541 4.47 -20.82 22.69
CA LEU B 541 3.79 -19.53 22.74
C LEU B 541 4.18 -18.77 24.01
N LEU B 542 4.33 -19.48 25.13
CA LEU B 542 4.73 -18.83 26.37
C LEU B 542 6.15 -18.27 26.26
N LYS B 543 7.06 -19.02 25.62
CA LYS B 543 8.41 -18.53 25.42
C LYS B 543 8.44 -17.34 24.48
N GLU B 544 7.62 -17.36 23.43
CA GLU B 544 7.61 -16.23 22.49
C GLU B 544 7.01 -14.99 23.14
N ILE B 545 5.91 -15.15 23.87
CA ILE B 545 5.26 -13.97 24.46
C ILE B 545 6.12 -13.39 25.58
N ASN B 546 6.89 -14.23 26.28
CA ASN B 546 7.79 -13.71 27.30
C ASN B 546 8.94 -12.94 26.67
N ILE B 547 9.37 -13.32 25.47
CA ILE B 547 10.36 -12.54 24.75
C ILE B 547 9.80 -11.18 24.39
N THR B 548 8.57 -11.16 23.85
CA THR B 548 7.91 -9.90 23.54
C THR B 548 7.75 -9.05 24.80
N LYS B 549 7.30 -9.67 25.89
CA LYS B 549 7.10 -8.94 27.13
C LYS B 549 8.40 -8.32 27.64
N SER B 550 9.48 -9.10 27.61
CA SER B 550 10.77 -8.59 28.08
C SER B 550 11.28 -7.44 27.20
N LEU B 551 11.13 -7.56 25.89
CA LEU B 551 11.66 -6.53 24.99
C LEU B 551 10.92 -5.21 25.18
N CYS B 552 9.59 -5.25 25.30
CA CYS B 552 8.82 -4.04 25.59
C CYS B 552 9.27 -3.40 26.90
N LEU B 553 9.46 -4.21 27.94
CA LEU B 553 9.91 -3.67 29.22
C LEU B 553 11.29 -3.03 29.07
N ILE B 554 12.19 -3.69 28.34
CA ILE B 554 13.51 -3.12 28.09
C ILE B 554 13.38 -1.75 27.43
N GLU B 555 12.45 -1.62 26.48
CA GLU B 555 12.23 -0.33 25.83
C GLU B 555 11.67 0.69 26.82
N VAL B 556 10.75 0.26 27.68
CA VAL B 556 10.16 1.17 28.67
C VAL B 556 11.23 1.69 29.63
N PHE B 557 12.08 0.78 30.12
CA PHE B 557 13.18 1.21 30.99
C PHE B 557 14.11 2.20 30.26
N GLN B 558 14.44 1.91 29.01
CA GLN B 558 15.29 2.80 28.24
C GLN B 558 14.68 4.20 28.13
N PHE B 559 13.37 4.26 27.84
CA PHE B 559 12.69 5.55 27.76
C PHE B 559 12.75 6.27 29.10
N ALA B 560 12.51 5.55 30.20
CA ALA B 560 12.49 6.16 31.53
C ALA B 560 13.85 6.70 31.93
N ILE B 561 14.93 6.03 31.50
CA ILE B 561 16.27 6.55 31.72
C ILE B 561 16.46 7.85 30.94
N LEU B 562 16.02 7.89 29.68
CA LEU B 562 16.15 9.11 28.89
C LEU B 562 15.38 10.26 29.52
N LYS B 563 14.15 9.99 29.98
CA LYS B 563 13.38 11.06 30.62
C LYS B 563 13.98 11.46 31.96
N SER B 564 14.58 10.52 32.69
CA SER B 564 15.22 10.88 33.95
C SER B 564 16.33 11.90 33.75
N PHE B 565 17.02 11.85 32.61
CA PHE B 565 18.04 12.84 32.29
C PHE B 565 17.47 14.09 31.62
N GLY B 566 16.15 14.15 31.45
CA GLY B 566 15.49 15.28 30.83
C GLY B 566 15.58 15.35 29.32
N LEU B 567 15.88 14.22 28.65
CA LEU B 567 16.08 14.27 27.20
C LEU B 567 14.82 14.01 26.40
N ILE B 568 13.81 13.39 27.00
CA ILE B 568 12.56 13.09 26.29
C ILE B 568 11.42 13.13 27.30
N ASP B 569 10.23 13.39 26.78
CA ASP B 569 9.00 13.41 27.56
C ASP B 569 7.95 12.57 26.84
N ASN B 570 6.92 12.15 27.58
CA ASN B 570 5.86 11.33 27.00
C ASN B 570 4.79 12.18 26.30
N LYS B 571 5.10 13.43 25.95
CA LYS B 571 4.21 14.28 25.17
C LYS B 571 5.06 15.08 24.20
N ASN B 572 4.40 15.86 23.35
CA ASN B 572 5.11 16.70 22.39
C ASN B 572 5.95 17.74 23.13
N SER B 573 7.21 17.86 22.73
CA SER B 573 8.13 18.73 23.45
C SER B 573 7.76 20.21 23.31
N THR B 574 7.42 20.65 22.10
CA THR B 574 7.03 22.03 21.88
C THR B 574 5.52 22.12 21.89
N PRO B 575 4.90 22.64 22.94
CA PRO B 575 3.43 22.68 22.99
C PRO B 575 2.86 23.68 21.99
N SER B 576 1.58 23.48 21.68
CA SER B 576 0.86 24.37 20.78
C SER B 576 -0.49 24.70 21.36
N LYS B 577 -1.05 25.82 20.90
CA LYS B 577 -2.30 26.31 21.46
C LYS B 577 -3.51 25.48 21.06
N PHE B 578 -3.37 24.61 20.05
CA PHE B 578 -4.55 24.07 19.39
C PHE B 578 -5.10 22.82 20.09
N SER B 579 -4.22 21.98 20.62
CA SER B 579 -4.62 20.71 21.19
C SER B 579 -4.01 20.53 22.58
N ASN B 580 -4.42 19.46 23.25
CA ASN B 580 -3.87 19.07 24.54
C ASN B 580 -3.40 17.63 24.48
N GLU B 581 -2.55 17.26 25.45
CA GLU B 581 -1.92 15.95 25.42
C GLU B 581 -2.91 14.82 25.66
N ARG B 582 -4.00 15.08 26.39
CA ARG B 582 -5.01 14.05 26.61
C ARG B 582 -5.72 13.68 25.31
N LEU B 583 -6.07 14.68 24.50
CA LEU B 583 -6.72 14.40 23.22
C LEU B 583 -5.78 13.63 22.29
N ILE B 584 -4.50 13.99 22.29
CA ILE B 584 -3.54 13.30 21.42
C ILE B 584 -3.33 11.87 21.88
N HIS B 585 -3.27 11.66 23.20
CA HIS B 585 -3.15 10.30 23.73
C HIS B 585 -4.36 9.44 23.36
N ASN B 586 -5.57 10.00 23.49
CA ASN B 586 -6.76 9.21 23.20
C ASN B 586 -6.86 8.87 21.72
N LEU B 587 -6.45 9.81 20.85
CA LEU B 587 -6.47 9.54 19.42
C LEU B 587 -5.56 8.38 19.05
N ARG B 588 -4.39 8.30 19.70
CA ARG B 588 -3.44 7.25 19.36
C ARG B 588 -4.00 5.88 19.71
N PHE B 589 -4.74 5.78 20.82
CA PHE B 589 -5.28 4.52 21.30
C PHE B 589 -6.75 4.33 20.93
N LYS B 590 -7.28 5.17 20.05
CA LYS B 590 -8.63 4.97 19.54
C LYS B 590 -8.92 3.56 19.01
N PRO B 591 -8.00 2.89 18.29
CA PRO B 591 -8.35 1.53 17.82
C PRO B 591 -8.67 0.54 18.92
N PHE B 592 -8.17 0.74 20.13
CA PHE B 592 -8.39 -0.20 21.22
C PHE B 592 -9.48 0.27 22.17
N ASN B 593 -10.20 1.34 21.81
CA ASN B 593 -11.08 1.99 22.77
C ASN B 593 -12.35 1.18 23.02
N SER B 594 -12.83 0.44 22.03
CA SER B 594 -14.07 -0.29 22.14
C SER B 594 -13.87 -1.74 22.59
N ILE B 595 -12.64 -2.16 22.88
CA ILE B 595 -12.37 -3.53 23.30
C ILE B 595 -12.50 -3.60 24.81
N GLY B 596 -13.35 -4.51 25.29
CA GLY B 596 -13.63 -4.61 26.70
C GLY B 596 -12.58 -5.33 27.51
N VAL B 597 -12.07 -6.44 26.98
CA VAL B 597 -11.11 -7.27 27.69
C VAL B 597 -9.94 -7.56 26.76
N PRO B 598 -8.70 -7.15 27.11
CA PRO B 598 -8.40 -6.39 28.32
C PRO B 598 -8.74 -4.90 28.16
N GLU B 599 -9.23 -4.26 29.22
CA GLU B 599 -9.63 -2.86 29.12
C GLU B 599 -8.44 -1.98 28.79
N LEU B 600 -8.69 -0.96 27.98
CA LEU B 600 -7.69 0.04 27.71
C LEU B 600 -7.42 0.84 28.98
N PRO B 601 -6.18 0.87 29.48
CA PRO B 601 -5.90 1.67 30.69
C PRO B 601 -6.21 3.14 30.46
N GLU B 602 -6.70 3.79 31.51
CA GLU B 602 -7.04 5.20 31.44
C GLU B 602 -5.79 6.05 31.29
N TYR B 603 -6.00 7.28 30.81
CA TYR B 603 -4.89 8.22 30.63
C TYR B 603 -4.09 8.39 31.92
N GLU B 604 -4.78 8.44 33.07
CA GLU B 604 -4.09 8.62 34.34
C GLU B 604 -3.20 7.44 34.69
N VAL B 605 -3.57 6.23 34.26
CA VAL B 605 -2.74 5.06 34.54
C VAL B 605 -1.44 5.13 33.75
N PHE B 606 -1.52 5.56 32.48
CA PHE B 606 -0.31 5.75 31.68
C PHE B 606 0.64 6.72 32.36
N GLN B 607 0.11 7.83 32.88
CA GLN B 607 0.97 8.84 33.51
C GLN B 607 1.60 8.32 34.80
N GLN B 608 0.80 7.66 35.64
CA GLN B 608 1.31 7.19 36.92
C GLN B 608 2.36 6.11 36.74
N THR B 609 2.14 5.20 35.78
CA THR B 609 3.11 4.13 35.53
C THR B 609 4.47 4.70 35.15
N LEU B 610 4.49 5.73 34.31
CA LEU B 610 5.75 6.35 33.92
C LEU B 610 6.45 7.00 35.12
N LYS B 611 5.67 7.59 36.04
CA LYS B 611 6.27 8.24 37.20
C LYS B 611 7.01 7.24 38.09
N ASP B 612 6.53 6.00 38.15
CA ASP B 612 7.21 4.98 38.95
C ASP B 612 8.50 4.52 38.29
N PHE B 613 8.57 4.57 36.96
CA PHE B 613 9.79 4.20 36.25
C PHE B 613 10.83 5.30 36.30
N VAL B 614 10.40 6.56 36.21
CA VAL B 614 11.33 7.68 36.10
C VAL B 614 12.04 7.91 37.43
N ILE B 615 13.34 8.15 37.37
CA ILE B 615 14.15 8.41 38.55
C ILE B 615 14.13 9.92 38.81
N GLU B 616 13.41 10.34 39.85
CA GLU B 616 13.36 11.76 40.20
C GLU B 616 14.39 12.15 41.24
N GLU B 617 15.13 11.19 41.77
CA GLU B 617 16.17 11.48 42.76
C GLU B 617 17.35 12.15 42.07
N LYS B 618 18.31 12.59 42.89
CA LYS B 618 19.46 13.31 42.39
C LYS B 618 20.72 12.81 43.08
N GLY B 619 21.85 13.04 42.43
CA GLY B 619 23.14 12.76 43.05
C GLY B 619 23.37 11.28 43.23
N ALA B 620 23.88 10.91 44.41
CA ALA B 620 24.21 9.51 44.67
C ALA B 620 22.96 8.64 44.65
N ALA B 621 21.84 9.16 45.13
CA ALA B 621 20.59 8.39 45.10
C ALA B 621 20.16 8.12 43.67
N PHE B 622 20.32 9.12 42.78
CA PHE B 622 20.04 8.92 41.37
C PHE B 622 20.93 7.83 40.79
N ASP B 623 22.21 7.82 41.17
CA ASP B 623 23.15 6.87 40.58
C ASP B 623 22.81 5.43 40.93
N ILE B 624 22.34 5.20 42.15
CA ILE B 624 22.02 3.84 42.58
C ILE B 624 20.78 3.33 41.84
N LYS B 625 19.77 4.18 41.70
CA LYS B 625 18.57 3.74 40.98
C LYS B 625 18.84 3.55 39.50
N LEU B 626 19.71 4.39 38.92
CA LEU B 626 20.07 4.21 37.52
C LEU B 626 20.80 2.89 37.29
N GLU B 627 21.66 2.50 38.24
CA GLU B 627 22.39 1.25 38.11
C GLU B 627 21.45 0.05 38.12
N ARG B 628 20.39 0.11 38.91
CA ARG B 628 19.40 -0.97 38.90
C ARG B 628 18.70 -1.06 37.56
N ALA B 629 18.43 0.09 36.93
CA ALA B 629 17.73 0.09 35.65
C ALA B 629 18.63 -0.41 34.52
N THR B 630 19.90 0.03 34.49
CA THR B 630 20.80 -0.43 33.45
C THR B 630 21.16 -1.89 33.63
N ASN B 631 21.33 -2.34 34.87
CA ASN B 631 21.62 -3.75 35.12
C ASN B 631 20.47 -4.64 34.68
N PHE B 632 19.22 -4.16 34.82
CA PHE B 632 18.09 -4.94 34.34
C PHE B 632 18.12 -5.08 32.82
N ILE B 633 18.42 -3.99 32.11
CA ILE B 633 18.46 -4.03 30.65
C ILE B 633 19.49 -5.04 30.17
N GLU B 634 20.70 -4.98 30.72
CA GLU B 634 21.76 -5.90 30.31
C GLU B 634 21.41 -7.34 30.70
N THR B 635 20.87 -7.53 31.91
CA THR B 635 20.54 -8.88 32.36
C THR B 635 19.40 -9.46 31.55
N GLU B 636 18.36 -8.67 31.29
CA GLU B 636 17.20 -9.17 30.56
C GLU B 636 17.52 -9.40 29.10
N VAL B 637 18.41 -8.60 28.51
CA VAL B 637 18.82 -8.84 27.12
C VAL B 637 19.46 -10.21 26.99
N ARG B 638 20.35 -10.57 27.92
CA ARG B 638 20.99 -11.88 27.84
C ARG B 638 19.99 -13.01 28.04
N ASN B 639 19.01 -12.82 28.94
CA ASN B 639 17.98 -13.83 29.10
C ASN B 639 17.13 -13.96 27.83
N VAL B 640 16.84 -12.84 27.17
CA VAL B 640 16.11 -12.89 25.91
C VAL B 640 16.90 -13.67 24.87
N VAL B 641 18.21 -13.42 24.80
CA VAL B 641 19.06 -14.15 23.86
C VAL B 641 19.02 -15.64 24.14
N SER B 642 19.05 -16.02 25.41
CA SER B 642 18.95 -17.43 25.77
C SER B 642 17.61 -18.02 25.34
N SER B 643 16.51 -17.28 25.53
CA SER B 643 15.21 -17.78 25.11
C SER B 643 15.12 -17.90 23.59
N ILE B 644 15.63 -16.90 22.87
CA ILE B 644 15.65 -16.98 21.41
C ILE B 644 16.46 -18.19 20.96
N ASP B 645 17.59 -18.43 21.61
CA ASP B 645 18.43 -19.57 21.24
C ASP B 645 17.69 -20.88 21.44
N GLU B 646 16.99 -21.04 22.56
CA GLU B 646 16.21 -22.26 22.81
C GLU B 646 15.15 -22.46 21.72
N ILE B 647 14.48 -21.38 21.32
CA ILE B 647 13.49 -21.49 20.26
C ILE B 647 14.15 -21.90 18.95
N MSE B 648 15.33 -21.35 18.66
CA MSE B 648 16.02 -21.66 17.42
C MSE B 648 16.46 -23.13 17.40
O MSE B 648 16.35 -23.79 16.37
CB MSE B 648 17.23 -20.73 17.22
CG MSE B 648 16.83 -19.27 16.99
SE MSE B 648 18.31 -18.05 16.62
CE MSE B 648 18.75 -18.63 14.80
N GLN B 649 16.93 -23.65 18.54
CA GLN B 649 17.24 -25.07 18.63
C GLN B 649 15.99 -25.92 18.37
N GLY B 650 14.86 -25.52 18.96
CA GLY B 650 13.62 -26.26 18.75
C GLY B 650 13.19 -26.26 17.29
N ILE B 651 13.35 -25.12 16.62
CA ILE B 651 13.02 -25.03 15.20
C ILE B 651 13.92 -25.96 14.39
N LYS B 652 15.21 -26.00 14.71
CA LYS B 652 16.11 -26.89 13.96
C LYS B 652 15.82 -28.35 14.26
N GLY B 653 15.48 -28.67 15.52
CA GLY B 653 15.28 -30.05 15.89
C GLY B 653 14.01 -30.66 15.34
N GLY B 654 12.97 -29.84 15.14
CA GLY B 654 11.69 -30.33 14.68
C GLY B 654 10.68 -30.41 15.81
N ASP B 655 9.48 -30.86 15.44
CA ASP B 655 8.34 -30.88 16.34
C ASP B 655 8.16 -32.20 17.08
N ASN B 656 9.04 -33.18 16.87
CA ASN B 656 8.91 -34.49 17.49
C ASN B 656 9.94 -34.73 18.59
N ASN B 657 10.45 -33.68 19.22
CA ASN B 657 11.48 -33.81 20.23
C ASN B 657 10.97 -33.65 21.67
N GLY B 658 9.67 -33.43 21.84
CA GLY B 658 9.03 -33.61 23.14
C GLY B 658 8.98 -32.38 24.03
N VAL B 659 9.62 -31.27 23.66
CA VAL B 659 9.65 -30.06 24.47
C VAL B 659 8.83 -28.93 23.83
N LEU B 660 9.17 -28.56 22.60
CA LEU B 660 8.49 -27.49 21.90
C LEU B 660 7.84 -28.00 20.61
N VAL B 661 6.71 -27.38 20.26
CA VAL B 661 6.07 -27.56 18.97
C VAL B 661 5.88 -26.17 18.38
N THR B 662 6.59 -25.89 17.28
CA THR B 662 6.55 -24.58 16.64
C THR B 662 5.82 -24.58 15.30
N GLY B 663 5.68 -25.73 14.65
CA GLY B 663 4.97 -25.79 13.39
C GLY B 663 5.60 -25.02 12.27
N THR B 664 6.92 -24.82 12.33
CA THR B 664 7.65 -24.01 11.36
C THR B 664 8.30 -24.83 10.26
N ARG B 665 7.84 -26.08 10.05
CA ARG B 665 8.50 -26.95 9.09
C ARG B 665 8.54 -26.34 7.68
N LEU B 666 7.46 -25.66 7.28
CA LEU B 666 7.41 -25.11 5.94
C LEU B 666 8.18 -23.80 5.80
N VAL B 667 8.48 -23.12 6.91
CA VAL B 667 9.17 -21.84 6.86
C VAL B 667 10.36 -21.88 7.80
N GLN B 668 11.09 -23.00 7.81
CA GLN B 668 12.14 -23.19 8.81
C GLN B 668 13.24 -22.14 8.65
N GLU B 669 13.72 -21.93 7.43
CA GLU B 669 14.77 -20.95 7.21
C GLU B 669 14.32 -19.54 7.56
N LEU B 670 13.10 -19.17 7.15
CA LEU B 670 12.62 -17.82 7.40
C LEU B 670 12.40 -17.56 8.89
N SER B 671 11.93 -18.56 9.64
CA SER B 671 11.74 -18.36 11.07
C SER B 671 13.07 -18.26 11.80
N LEU B 672 14.08 -19.03 11.36
CA LEU B 672 15.41 -18.87 11.92
C LEU B 672 15.97 -17.49 11.62
N GLU B 673 15.80 -17.03 10.38
CA GLU B 673 16.27 -15.70 10.00
C GLU B 673 15.59 -14.61 10.83
N TYR B 674 14.31 -14.80 11.14
CA TYR B 674 13.59 -13.84 11.98
C TYR B 674 14.21 -13.78 13.38
N TYR B 675 14.34 -14.92 14.04
CA TYR B 675 14.88 -14.92 15.40
C TYR B 675 16.33 -14.47 15.44
N CYS B 676 17.09 -14.75 14.38
CA CYS B 676 18.42 -14.19 14.26
C CYS B 676 18.38 -12.67 14.26
N LYS B 677 17.46 -12.09 13.47
CA LYS B 677 17.29 -10.65 13.47
C LYS B 677 16.80 -10.15 14.82
N LEU B 678 15.94 -10.92 15.49
CA LEU B 678 15.48 -10.51 16.81
C LEU B 678 16.62 -10.53 17.81
N LYS B 679 17.52 -11.51 17.71
CA LYS B 679 18.67 -11.56 18.60
C LYS B 679 19.60 -10.37 18.37
N HIS B 680 19.78 -9.96 17.12
CA HIS B 680 20.60 -8.80 16.82
C HIS B 680 20.05 -7.54 17.48
N THR B 681 18.73 -7.34 17.39
CA THR B 681 18.11 -6.16 18.01
C THR B 681 18.27 -6.19 19.53
N SER B 682 18.11 -7.38 20.14
CA SER B 682 18.27 -7.50 21.58
C SER B 682 19.67 -7.06 22.02
N LYS B 683 20.70 -7.57 21.35
CA LYS B 683 22.07 -7.16 21.67
C LYS B 683 22.26 -5.66 21.48
N ALA B 684 21.67 -5.10 20.41
CA ALA B 684 21.84 -3.67 20.14
C ALA B 684 21.19 -2.82 21.22
N LEU B 685 20.09 -3.28 21.80
CA LEU B 685 19.45 -2.54 22.87
C LEU B 685 20.36 -2.42 24.09
N SER B 686 21.05 -3.51 24.44
CA SER B 686 21.97 -3.47 25.57
C SER B 686 23.16 -2.55 25.29
N VAL B 687 23.78 -2.69 24.10
CA VAL B 687 24.91 -1.84 23.74
C VAL B 687 24.50 -0.37 23.76
N ASN B 688 23.30 -0.07 23.27
CA ASN B 688 22.86 1.32 23.21
C ASN B 688 22.61 1.88 24.61
N SER B 689 22.11 1.05 25.52
CA SER B 689 21.90 1.50 26.90
C SER B 689 23.21 1.92 27.56
N LYS B 690 24.29 1.19 27.28
CA LYS B 690 25.60 1.58 27.83
C LYS B 690 26.09 2.88 27.23
N VAL B 691 25.91 3.06 25.91
CA VAL B 691 26.34 4.29 25.26
C VAL B 691 25.59 5.49 25.84
N ILE B 692 24.27 5.35 26.05
CA ILE B 692 23.48 6.45 26.59
C ILE B 692 23.96 6.84 27.98
N VAL B 693 24.19 5.86 28.84
CA VAL B 693 24.58 6.14 30.22
C VAL B 693 25.95 6.80 30.28
N ASN B 694 26.92 6.27 29.52
CA ASN B 694 28.24 6.88 29.51
C ASN B 694 28.19 8.31 28.96
N THR B 695 27.36 8.55 27.93
CA THR B 695 27.28 9.88 27.35
C THR B 695 26.65 10.87 28.31
N LEU B 696 25.60 10.46 29.03
CA LEU B 696 24.83 11.41 29.83
C LEU B 696 25.50 11.72 31.17
N LYS B 697 26.24 10.77 31.73
CA LYS B 697 26.99 11.06 32.95
C LYS B 697 28.06 12.12 32.70
N LYS B 698 28.75 12.04 31.56
CA LYS B 698 29.71 13.08 31.21
C LYS B 698 29.02 14.40 30.94
N ASN B 699 27.80 14.35 30.39
CA ASN B 699 27.13 15.58 29.97
C ASN B 699 26.67 16.42 31.15
N ILE B 700 26.19 15.75 32.21
CA ILE B 700 25.75 16.48 33.41
C ILE B 700 26.92 17.21 34.05
N LYS B 701 28.12 16.62 34.01
CA LYS B 701 29.29 17.23 34.63
C LYS B 701 29.64 18.56 33.96
N ASN B 702 29.47 18.64 32.64
CA ASN B 702 29.88 19.82 31.88
C ASN B 702 28.74 20.83 31.81
N LYS B 703 29.08 22.11 32.01
CA LYS B 703 28.06 23.16 31.99
C LYS B 703 27.57 23.42 30.58
N ASP B 704 28.46 23.36 29.59
CA ASP B 704 28.08 23.57 28.19
C ASP B 704 27.73 22.23 27.54
N SER B 705 26.71 21.61 28.11
CA SER B 705 26.28 20.29 27.65
C SER B 705 25.72 20.37 26.24
N HIS B 706 25.81 19.25 25.53
CA HIS B 706 25.25 19.16 24.19
C HIS B 706 23.72 19.09 24.25
N GLU B 707 23.11 19.44 23.12
CA GLU B 707 21.66 19.37 22.95
C GLU B 707 21.34 18.12 22.12
N TYR B 708 20.66 17.17 22.73
CA TYR B 708 20.37 15.88 22.10
C TYR B 708 18.90 15.76 21.76
N LYS B 709 18.61 14.95 20.73
CA LYS B 709 17.27 14.52 20.40
C LYS B 709 17.26 12.99 20.33
N VAL B 710 16.10 12.40 20.56
CA VAL B 710 15.94 10.95 20.52
C VAL B 710 15.29 10.58 19.20
N GLU B 711 15.84 9.57 18.53
CA GLU B 711 15.30 9.07 17.28
C GLU B 711 15.11 7.56 17.39
N LEU B 712 14.04 7.05 16.78
CA LEU B 712 13.78 5.62 16.72
C LEU B 712 14.52 5.07 15.52
N VAL B 713 15.66 4.41 15.76
CA VAL B 713 16.55 3.96 14.70
C VAL B 713 16.29 2.48 14.43
N HIS B 714 16.17 2.13 13.15
CA HIS B 714 15.99 0.74 12.75
C HIS B 714 17.36 0.05 12.66
N THR B 715 17.44 -1.16 13.22
CA THR B 715 18.64 -1.97 13.11
C THR B 715 18.63 -2.68 11.76
N THR B 716 19.74 -2.55 11.01
CA THR B 716 19.75 -3.00 9.62
C THR B 716 19.50 -4.50 9.51
N GLU B 717 20.14 -5.31 10.37
CA GLU B 717 19.94 -6.74 10.40
C GLU B 717 19.10 -7.19 11.58
N GLY B 718 18.40 -6.27 12.23
CA GLY B 718 17.55 -6.59 13.35
C GLY B 718 16.09 -6.69 12.96
N TRP B 719 15.24 -6.80 13.99
CA TRP B 719 13.80 -6.83 13.82
C TRP B 719 13.24 -5.49 14.31
N ASN B 720 12.67 -4.72 13.39
CA ASN B 720 12.34 -3.33 13.63
C ASN B 720 10.97 -3.13 14.27
N TYR B 721 10.37 -4.18 14.83
CA TYR B 721 9.26 -3.95 15.75
C TYR B 721 9.74 -3.30 17.03
N PHE B 722 11.05 -3.39 17.32
CA PHE B 722 11.64 -2.81 18.52
C PHE B 722 12.82 -1.94 18.09
N PRO B 723 12.56 -0.72 17.65
CA PRO B 723 13.66 0.16 17.23
C PRO B 723 14.54 0.56 18.41
N ILE B 724 15.73 1.05 18.09
CA ILE B 724 16.69 1.47 19.09
C ILE B 724 16.50 2.96 19.36
N GLN B 725 16.23 3.31 20.61
CA GLN B 725 16.05 4.70 21.01
C GLN B 725 17.43 5.34 21.12
N THR B 726 17.81 6.11 20.11
CA THR B 726 19.19 6.57 19.92
C THR B 726 19.30 8.07 20.18
N LEU B 727 20.34 8.45 20.92
CA LEU B 727 20.69 9.85 21.09
C LEU B 727 21.35 10.37 19.83
N ARG B 728 21.09 11.64 19.51
CA ARG B 728 21.75 12.28 18.38
C ARG B 728 21.85 13.77 18.65
N ILE B 729 23.01 14.34 18.34
CA ILE B 729 23.25 15.76 18.56
C ILE B 729 22.36 16.57 17.63
N LYS B 730 21.75 17.62 18.16
CA LYS B 730 20.84 18.47 17.39
C LYS B 730 21.62 19.34 16.41
N ILE C 3 -36.59 33.42 -23.40
CA ILE C 3 -35.38 33.87 -22.71
C ILE C 3 -34.58 32.65 -22.26
N LEU C 4 -33.28 32.79 -22.11
CA LEU C 4 -32.41 31.65 -21.85
C LEU C 4 -31.50 31.89 -20.66
N LYS C 5 -31.01 30.78 -20.11
CA LYS C 5 -30.07 30.77 -19.01
C LYS C 5 -29.04 29.67 -19.25
N LEU C 6 -27.88 29.80 -18.60
CA LEU C 6 -26.88 28.75 -18.68
C LEU C 6 -27.38 27.44 -18.07
N SER C 7 -28.26 27.53 -17.07
CA SER C 7 -28.83 26.33 -16.45
C SER C 7 -29.53 25.45 -17.46
N ASP C 8 -30.10 26.03 -18.51
CA ASP C 8 -30.77 25.23 -19.53
C ASP C 8 -29.77 24.38 -20.31
N PHE C 9 -28.51 24.81 -20.37
CA PHE C 9 -27.54 24.17 -21.24
C PHE C 9 -26.88 22.95 -20.62
N ILE C 10 -26.71 22.93 -19.29
CA ILE C 10 -25.97 21.84 -18.66
C ILE C 10 -26.66 20.52 -18.91
N GLY C 11 -25.86 19.47 -19.10
CA GLY C 11 -26.37 18.16 -19.46
C GLY C 11 -26.54 17.93 -20.94
N ASN C 12 -26.14 18.88 -21.78
CA ASN C 12 -26.31 18.78 -23.22
C ASN C 12 -24.96 18.79 -23.92
N THR C 13 -24.86 18.01 -24.98
CA THR C 13 -23.62 17.89 -25.74
C THR C 13 -23.27 19.22 -26.41
N LEU C 14 -21.98 19.58 -26.36
CA LEU C 14 -21.49 20.81 -26.95
C LEU C 14 -20.28 20.52 -27.83
N ILE C 15 -20.08 21.37 -28.83
CA ILE C 15 -18.94 21.28 -29.73
C ILE C 15 -18.03 22.45 -29.42
N VAL C 16 -16.80 22.16 -28.99
CA VAL C 16 -15.85 23.19 -28.57
C VAL C 16 -14.57 22.98 -29.37
N SER C 17 -14.36 23.81 -30.38
CA SER C 17 -13.11 23.81 -31.12
C SER C 17 -12.04 24.54 -30.30
N LEU C 18 -10.87 23.93 -30.18
CA LEU C 18 -9.79 24.51 -29.40
C LEU C 18 -8.93 25.40 -30.30
N THR C 19 -7.82 25.90 -29.74
CA THR C 19 -6.94 26.78 -30.51
C THR C 19 -6.29 26.04 -31.68
N GLU C 20 -5.98 24.76 -31.50
CA GLU C 20 -5.36 23.96 -32.56
C GLU C 20 -6.44 23.36 -33.44
N ASP C 21 -6.05 22.45 -34.34
CA ASP C 21 -7.03 21.77 -35.18
C ASP C 21 -7.94 20.85 -34.39
N ARG C 22 -7.60 20.56 -33.13
CA ARG C 22 -8.39 19.64 -32.33
C ARG C 22 -9.74 20.25 -31.98
N ILE C 23 -10.75 19.38 -31.85
CA ILE C 23 -12.10 19.74 -31.47
C ILE C 23 -12.58 18.80 -30.38
N LEU C 24 -13.30 19.34 -29.39
CA LEU C 24 -13.81 18.56 -28.27
C LEU C 24 -15.34 18.51 -28.33
N VAL C 25 -15.88 17.30 -28.19
CA VAL C 25 -17.32 17.07 -28.12
C VAL C 25 -17.62 16.43 -26.78
N GLY C 26 -18.45 17.09 -25.97
CA GLY C 26 -18.72 16.59 -24.63
C GLY C 26 -19.96 17.20 -24.04
N SER C 27 -20.44 16.58 -22.96
CA SER C 27 -21.60 17.04 -22.22
C SER C 27 -21.16 18.06 -21.18
N LEU C 28 -21.83 19.22 -21.16
CA LEU C 28 -21.45 20.31 -20.27
C LEU C 28 -21.82 19.98 -18.84
N VAL C 29 -20.85 20.03 -17.94
CA VAL C 29 -21.05 19.73 -16.53
C VAL C 29 -21.15 20.98 -15.68
N ALA C 30 -20.26 21.94 -15.90
CA ALA C 30 -20.27 23.16 -15.11
C ALA C 30 -19.61 24.29 -15.89
N VAL C 31 -20.02 25.51 -15.59
CA VAL C 31 -19.42 26.73 -16.12
C VAL C 31 -19.34 27.75 -14.99
N ASP C 32 -18.26 28.53 -14.97
CA ASP C 32 -18.04 29.52 -13.92
C ASP C 32 -18.14 30.92 -14.51
N ALA C 33 -17.78 31.92 -13.69
CA ALA C 33 -17.96 33.31 -14.09
C ALA C 33 -16.99 33.72 -15.19
N GLN C 34 -15.83 33.07 -15.26
CA GLN C 34 -14.82 33.39 -16.27
C GLN C 34 -14.92 32.51 -17.51
N MSE C 35 -16.07 31.85 -17.71
CA MSE C 35 -16.33 30.99 -18.86
C MSE C 35 -15.38 29.80 -18.95
O MSE C 35 -15.12 29.28 -20.03
CB MSE C 35 -16.28 31.80 -20.16
CG MSE C 35 -17.25 31.30 -21.23
SE MSE C 35 -17.07 32.19 -22.96
CE MSE C 35 -15.42 31.34 -23.57
N ASN C 36 -14.85 29.36 -17.80
CA ASN C 36 -14.17 28.06 -17.76
C ASN C 36 -15.22 26.96 -17.80
N LEU C 37 -15.07 26.01 -18.71
CA LEU C 37 -16.03 24.94 -18.89
C LEU C 37 -15.46 23.63 -18.39
N LEU C 38 -16.33 22.79 -17.83
CA LEU C 38 -16.00 21.42 -17.48
C LEU C 38 -16.90 20.49 -18.27
N LEU C 39 -16.30 19.59 -19.03
CA LEU C 39 -17.03 18.71 -19.95
C LEU C 39 -16.78 17.25 -19.60
N ASP C 40 -17.82 16.44 -19.71
CA ASP C 40 -17.75 15.02 -19.44
C ASP C 40 -17.96 14.24 -20.74
N HIS C 41 -17.43 13.00 -20.75
CA HIS C 41 -17.51 12.11 -21.91
C HIS C 41 -16.94 12.79 -23.15
N VAL C 42 -15.81 13.47 -22.98
CA VAL C 42 -15.23 14.27 -24.05
C VAL C 42 -14.67 13.38 -25.14
N GLU C 43 -14.97 13.69 -26.39
CA GLU C 43 -14.35 13.07 -27.55
C GLU C 43 -13.46 14.10 -28.23
N GLU C 44 -12.18 13.77 -28.38
CA GLU C 44 -11.21 14.65 -29.03
C GLU C 44 -11.07 14.23 -30.48
N ARG C 45 -11.45 15.12 -31.40
CA ARG C 45 -11.39 14.87 -32.83
C ARG C 45 -10.28 15.72 -33.43
N MSE C 46 -9.32 15.06 -34.08
CA MSE C 46 -8.27 15.76 -34.83
C MSE C 46 -8.14 15.16 -36.23
O MSE C 46 -7.55 14.11 -36.40
CB MSE C 46 -6.93 15.67 -34.11
CG MSE C 46 -6.94 16.19 -32.68
SE MSE C 46 -5.16 16.24 -31.85
CE MSE C 46 -4.52 17.95 -32.55
N GLY C 47 -8.71 15.86 -37.21
CA GLY C 47 -8.62 15.41 -38.58
C GLY C 47 -9.32 14.06 -38.74
N SER C 48 -8.52 13.03 -39.05
CA SER C 48 -9.07 11.69 -39.18
C SER C 48 -9.27 11.01 -37.83
N SER C 49 -8.42 11.31 -36.85
CA SER C 49 -8.39 10.53 -35.62
C SER C 49 -9.45 11.00 -34.62
N SER C 50 -9.87 10.05 -33.78
CA SER C 50 -10.83 10.31 -32.71
C SER C 50 -10.46 9.48 -31.50
N ARG C 51 -10.73 10.02 -30.31
CA ARG C 51 -10.41 9.32 -29.07
C ARG C 51 -11.19 9.93 -27.92
N MSE C 52 -11.39 9.12 -26.88
CA MSE C 52 -12.10 9.54 -25.68
C MSE C 52 -11.12 10.03 -24.62
O MSE C 52 -10.02 9.49 -24.47
CB MSE C 52 -12.94 8.39 -25.12
CG MSE C 52 -14.01 7.86 -26.07
SE MSE C 52 -15.20 9.27 -26.71
CE MSE C 52 -16.77 8.17 -27.11
N MSE C 53 -11.51 11.06 -23.87
CA MSE C 53 -10.62 11.64 -22.86
C MSE C 53 -11.30 11.83 -21.51
O MSE C 53 -10.67 12.27 -20.55
CB MSE C 53 -10.07 12.98 -23.37
CG MSE C 53 -9.28 12.87 -24.66
SE MSE C 53 -8.08 14.38 -24.94
CE MSE C 53 -9.34 15.83 -24.67
N GLY C 54 -12.60 11.51 -21.43
CA GLY C 54 -13.29 11.53 -20.15
C GLY C 54 -13.67 12.93 -19.72
N LEU C 55 -13.37 13.26 -18.46
CA LEU C 55 -13.73 14.54 -17.89
C LEU C 55 -12.60 15.54 -18.13
N VAL C 56 -12.90 16.61 -18.87
CA VAL C 56 -11.91 17.61 -19.24
C VAL C 56 -12.46 19.00 -18.90
N SER C 57 -11.59 19.87 -18.40
CA SER C 57 -11.90 21.28 -18.22
C SER C 57 -11.14 22.10 -19.25
N VAL C 58 -11.81 23.08 -19.83
CA VAL C 58 -11.21 23.93 -20.86
C VAL C 58 -11.17 25.37 -20.33
N PRO C 59 -9.98 25.96 -20.21
CA PRO C 59 -9.90 27.35 -19.75
C PRO C 59 -10.43 28.33 -20.80
N ARG C 60 -10.49 29.60 -20.40
CA ARG C 60 -11.03 30.64 -21.28
C ARG C 60 -10.19 30.79 -22.54
N ARG C 61 -8.87 30.93 -22.40
CA ARG C 61 -8.01 31.18 -23.53
C ARG C 61 -8.08 30.04 -24.56
N SER C 62 -8.37 28.83 -24.11
CA SER C 62 -8.28 27.67 -24.98
C SER C 62 -9.48 27.50 -25.90
N VAL C 63 -10.61 28.12 -25.59
CA VAL C 63 -11.84 27.89 -26.33
C VAL C 63 -11.89 28.84 -27.53
N LYS C 64 -11.90 28.27 -28.73
CA LYS C 64 -12.10 29.07 -29.93
C LYS C 64 -13.58 29.39 -30.13
N THR C 65 -14.44 28.38 -30.01
CA THR C 65 -15.87 28.59 -30.23
C THR C 65 -16.66 27.51 -29.51
N ILE C 66 -17.93 27.79 -29.28
CA ILE C 66 -18.86 26.87 -28.65
C ILE C 66 -20.07 26.72 -29.56
N MSE C 67 -20.40 25.48 -29.91
CA MSE C 67 -21.53 25.21 -30.80
C MSE C 67 -22.42 24.09 -30.27
O MSE C 67 -21.94 23.18 -29.60
CB MSE C 67 -21.03 24.87 -32.20
CG MSE C 67 -20.33 26.02 -32.90
SE MSE C 67 -19.98 25.61 -34.77
CE MSE C 67 -19.09 27.26 -35.27
N ILE C 68 -23.72 24.18 -30.57
CA ILE C 68 -24.68 23.17 -30.14
C ILE C 68 -25.53 22.76 -31.33
N ASP C 69 -26.02 21.52 -31.30
CA ASP C 69 -26.89 21.03 -32.36
C ASP C 69 -28.16 21.86 -32.42
N LYS C 70 -28.59 22.19 -33.63
CA LYS C 70 -29.83 22.96 -33.81
C LYS C 70 -31.03 22.28 -33.16
N PRO C 71 -31.33 20.99 -33.41
CA PRO C 71 -32.51 20.40 -32.77
C PRO C 71 -32.42 20.36 -31.25
N VAL C 72 -31.21 20.13 -30.70
CA VAL C 72 -31.05 20.11 -29.26
C VAL C 72 -31.28 21.49 -28.67
N LEU C 73 -30.79 22.54 -29.36
CA LEU C 73 -30.91 23.90 -28.84
C LEU C 73 -32.37 24.31 -28.66
N GLN C 74 -33.21 24.05 -29.66
CA GLN C 74 -34.61 24.41 -29.56
C GLN C 74 -35.32 23.60 -28.48
N GLU C 75 -34.83 22.40 -28.21
CA GLU C 75 -35.45 21.55 -27.18
C GLU C 75 -35.26 22.15 -25.80
N LEU C 76 -34.11 22.79 -25.55
CA LEU C 76 -33.84 23.35 -24.23
C LEU C 76 -34.82 24.45 -23.87
N THR C 77 -35.23 25.25 -24.85
CA THR C 77 -36.10 26.40 -24.63
C THR C 77 -37.48 25.99 -24.09
I IOD D . 8.53 28.24 4.61
I IOD E . -9.64 5.93 5.73
C1 PEG F . -7.29 7.60 10.56
O1 PEG F . -6.59 6.40 10.35
C2 PEG F . -7.54 7.78 12.06
O2 PEG F . -8.61 8.67 12.25
C3 PEG F . -8.94 8.91 13.59
C4 PEG F . -9.72 10.22 13.70
O4 PEG F . -10.30 10.34 14.96
C1 PEG G . -10.76 5.84 10.93
O1 PEG G . -10.41 4.50 11.06
C2 PEG G . -12.09 6.08 11.66
O2 PEG G . -12.43 7.43 11.59
C3 PEG G . -12.53 8.06 12.83
C4 PEG G . -13.15 9.44 12.67
O4 PEG G . -13.01 10.17 13.86
C1 EDO H . -2.63 12.01 -4.29
O1 EDO H . -1.34 12.43 -4.75
C2 EDO H . -3.31 11.17 -5.36
O2 EDO H . -4.59 10.73 -4.90
C1 EDO I . 12.46 38.90 9.55
O1 EDO I . 12.25 37.55 9.13
C2 EDO I . 12.56 39.82 8.33
O2 EDO I . 13.67 39.44 7.52
C1 EDO J . -18.98 22.04 7.52
O1 EDO J . -19.13 21.30 6.30
C2 EDO J . -20.33 22.57 7.98
O2 EDO J . -21.21 21.48 8.28
C1 EDO K . 0.09 19.03 3.44
O1 EDO K . 1.39 19.61 3.32
C2 EDO K . -0.89 19.83 2.58
O2 EDO K . -0.47 19.74 1.21
I IOD L . -1.01 1.87 8.97
I IOD M . 9.56 13.44 19.34
I IOD N . -2.26 4.26 -30.58
I IOD O . -0.19 6.14 -16.82
I IOD P . -20.85 -11.47 16.23
I IOD Q . -15.28 8.89 -21.88
I IOD R . -4.52 -6.46 -21.72
I IOD S . 24.87 2.86 35.28
CL CL T . 13.20 2.39 -28.58
CL CL U . -21.31 -22.37 19.67
CL CL V . 1.55 8.65 28.00
C1 EDO W . 24.38 -15.79 21.24
O1 EDO W . 23.63 -16.91 20.76
C2 EDO W . 25.64 -15.63 20.40
O2 EDO W . 25.30 -15.30 19.05
C1 EDO X . -7.43 -2.63 4.47
O1 EDO X . -7.37 -1.20 4.29
C2 EDO X . -6.02 -3.20 4.40
O2 EDO X . -6.05 -4.62 4.56
C1 EDO Y . 11.89 -14.55 28.53
O1 EDO Y . 11.50 -15.09 27.26
C2 EDO Y . 13.15 -13.72 28.39
O2 EDO Y . 13.61 -13.38 29.71
C1 EDO Z . -9.75 -5.42 -1.80
O1 EDO Z . -8.41 -5.92 -1.79
C2 EDO Z . -9.95 -4.56 -3.05
O2 EDO Z . -9.78 -5.38 -4.22
C1 EDO AA . -11.03 -30.37 13.44
O1 EDO AA . -11.16 -30.78 12.07
C2 EDO AA . -11.42 -31.51 14.37
O2 EDO AA . -11.62 -30.98 15.69
C1 EDO BA . 5.19 15.73 -20.97
O1 EDO BA . 4.06 15.95 -21.83
C2 EDO BA . 4.91 14.59 -20.01
O2 EDO BA . 4.76 13.35 -20.71
C1 EDO CA . -8.18 4.67 13.50
O1 EDO CA . -7.09 3.75 13.38
C2 EDO CA . -8.85 4.51 14.87
O2 EDO CA . -9.41 3.20 14.98
C1 EDO DA . -11.00 -13.30 28.52
O1 EDO DA . -10.44 -13.43 29.85
C2 EDO DA . -11.65 -14.62 28.09
O2 EDO DA . -10.68 -15.67 28.04
C1 EDO EA . 9.00 -12.16 20.11
O1 EDO EA . 8.42 -10.91 19.74
C2 EDO EA . 9.02 -13.12 18.93
O2 EDO EA . 7.79 -13.08 18.22
C1 EDO FA . 9.64 -9.67 32.03
O1 EDO FA . 9.43 -10.42 30.83
C2 EDO FA . 10.70 -10.37 32.87
O2 EDO FA . 10.95 -9.61 34.07
C1 EDO GA . 29.97 3.89 25.40
O1 EDO GA . 30.53 2.58 25.34
C2 EDO GA . 30.95 4.91 24.85
O2 EDO GA . 30.39 6.22 24.94
C1 EDO HA . -3.39 4.18 15.85
O1 EDO HA . -2.04 4.01 16.29
C2 EDO HA . -3.52 3.74 14.39
O2 EDO HA . -2.74 4.60 13.54
C1 EDO IA . 6.17 -13.95 13.57
O1 EDO IA . 5.85 -12.62 13.16
C2 EDO IA . 6.13 -14.03 15.09
O2 EDO IA . 6.33 -15.39 15.51
C1 EDO JA . -3.73 -22.45 15.78
O1 EDO JA . -4.14 -22.86 17.08
C2 EDO JA . -3.78 -20.94 15.67
O2 EDO JA . -5.12 -20.47 15.90
I IOD KA . -28.65 30.23 -14.50
#